data_5I4E
#
_entry.id   5I4E
#
_cell.length_a   81.120
_cell.length_b   125.610
_cell.length_c   153.960
_cell.angle_alpha   90.00
_cell.angle_beta   90.00
_cell.angle_gamma   90.00
#
_symmetry.space_group_name_H-M   'P 2 21 21'
#
loop_
_entity.id
_entity.type
_entity.pdbx_description
1 polymer 'Myosin-14,Alpha-actinin A'
2 non-polymer 'ADP ORTHOVANADATE'
3 non-polymer 'MAGNESIUM ION'
4 water water
#
_entity_poly.entity_id   1
_entity_poly.type   'polypeptide(L)'
_entity_poly.pdbx_seq_one_letter_code
;QVEWTARRLVWVPSELHGFEAAALRDEGEEEAEVELAESGRRLRLPRDQIQRMNPPKFSKAEDMAELTCLNEASVLHNLR
ERYYSGLIYTYSGLFCVVINPYKQLPIYTEAIVEMYRGKKRHEVPPHVYAVTEGAYRSMLQDREDQSILCTGESGAGKTE
NTKKVIQYLAHVASSPKGRKEPGVPGELERQLLQANPILEAFGNAKTVKNDNSSRFGKFIRINFDVAGYIVGANIETYLL
EKSRAIRQAKDECSFHIFYQLLGGAGEQLKADLLLEPCSHYRFLTNGPSSSPGQERELFQETLESLRVLGFSHEEIISML
RMVSAVLQFGNIALKRERNTDQATMPDNTAAQKLCRLLGLGVTDFSRALLTPRIKVGRDYVQKAQTKEQADFALEALAKA
TYERLFRWLVLRLNRALDRSPRQGASFLGILDIAGFEIFQLNSFEQLCINYTNEKLQQLFNHTMFVLEQEEYQREGIPWT
FLDFGLDLQPCIDLIERPANPPGLLALLDEECWFPKATDKSFVEKVAQEQGGHPKFQRPRHLRDQADFSVLHYAGKVDYK
ANEWLMKNMDPLNDNVAALLHQSTDRLTAEIWKDVEGIVGLEQVSSLGDGPPGGRPRRGMFRTVGQLYKESLSRLMATLS
NTNPSFVRCIVPNHEKRAGKLEPRLVLDQLRCNGVLEGIRICRQGFPNRILFQEFRQRYEILTPNAIPKGFMDGKQACEK
MIQALELDPNLYRVGQSKIFFRAGVLAQLEEERASEQTKSDYLKRANELVQWINDKQASLESRDFGDSIESVQSFMNAHK
EYKKTEKPPKGQEVSELEAIYNSLQTKLRLIKREPFVAPAGLTPNEIDSTWSALEKAEQEHAEALRIELKRQKKIAVLLQ
KYNRILKKLENWATTKSVYLGSNETGDSITAVQAKLKNLEAFDGECQSLEGQSNSDLLSILAQLTELNYNGVPELTERKD
TFFAQQWTGVKSSAETYKNT
;
_entity_poly.pdbx_strand_id   A
#
loop_
_chem_comp.id
_chem_comp.type
_chem_comp.name
_chem_comp.formula
AOV non-polymer 'ADP ORTHOVANADATE' 'C10 H17 N5 O14 P2 V'
MG non-polymer 'MAGNESIUM ION' 'Mg 2'
#
# COMPACT_ATOMS: atom_id res chain seq x y z
N GLU A 3 25.96 18.29 25.97
CA GLU A 3 25.60 18.11 27.37
C GLU A 3 25.24 16.66 27.68
N TRP A 4 24.41 16.01 26.81
CA TRP A 4 24.03 14.59 27.01
C TRP A 4 25.29 13.74 26.94
N THR A 5 26.21 14.08 26.02
CA THR A 5 27.49 13.38 25.82
C THR A 5 28.41 13.45 27.08
N ALA A 6 28.29 14.52 27.91
CA ALA A 6 29.05 14.72 29.16
C ALA A 6 28.67 13.70 30.25
N ARG A 7 27.48 13.07 30.12
CA ARG A 7 26.94 12.03 31.01
C ARG A 7 27.75 10.70 30.86
N ARG A 8 28.48 10.56 29.73
CA ARG A 8 29.35 9.44 29.37
C ARG A 8 28.57 8.09 29.25
N LEU A 9 27.24 8.15 28.92
CA LEU A 9 26.34 6.99 28.87
C LEU A 9 26.70 5.93 27.81
N VAL A 10 26.75 4.68 28.24
CA VAL A 10 27.08 3.48 27.42
C VAL A 10 26.13 2.32 27.79
N TRP A 11 26.00 1.31 26.90
CA TRP A 11 25.27 0.09 27.22
C TRP A 11 26.28 -0.93 27.65
N VAL A 12 25.97 -1.65 28.75
CA VAL A 12 26.78 -2.76 29.24
C VAL A 12 25.90 -4.04 29.24
N PRO A 13 26.44 -5.28 29.13
CA PRO A 13 25.56 -6.46 29.20
C PRO A 13 24.93 -6.61 30.59
N SER A 14 23.69 -7.07 30.62
CA SER A 14 22.94 -7.30 31.85
C SER A 14 22.29 -8.68 31.71
N GLU A 15 22.38 -9.53 32.77
CA GLU A 15 21.76 -10.86 32.70
C GLU A 15 20.22 -10.72 32.66
N LEU A 16 19.66 -9.87 33.56
CA LEU A 16 18.25 -9.64 33.70
C LEU A 16 17.62 -8.87 32.53
N HIS A 17 18.16 -7.68 32.21
CA HIS A 17 17.66 -6.74 31.20
C HIS A 17 18.24 -6.81 29.79
N GLY A 18 19.19 -7.72 29.58
CA GLY A 18 19.87 -7.88 28.30
C GLY A 18 21.07 -6.95 28.23
N PHE A 19 20.77 -5.63 28.18
CA PHE A 19 21.74 -4.54 28.17
C PHE A 19 21.18 -3.45 29.01
N GLU A 20 22.03 -2.74 29.77
CA GLU A 20 21.55 -1.62 30.58
C GLU A 20 22.48 -0.41 30.53
N ALA A 21 21.90 0.79 30.71
CA ALA A 21 22.61 2.07 30.71
C ALA A 21 23.61 2.14 31.85
N ALA A 22 24.80 2.62 31.55
CA ALA A 22 25.88 2.82 32.51
C ALA A 22 26.73 4.05 32.13
N ALA A 23 27.18 4.82 33.13
CA ALA A 23 28.01 6.00 32.92
C ALA A 23 29.42 5.50 32.82
N LEU A 24 30.13 5.80 31.72
CA LEU A 24 31.51 5.33 31.56
C LEU A 24 32.45 6.14 32.53
N ARG A 25 32.82 5.51 33.64
CA ARG A 25 33.69 6.14 34.63
C ARG A 25 35.14 6.41 34.23
N ASP A 26 35.78 5.40 33.61
CA ASP A 26 37.16 5.51 33.18
C ASP A 26 37.43 4.46 32.10
N GLU A 27 38.45 4.67 31.28
CA GLU A 27 38.76 3.71 30.24
C GLU A 27 40.21 3.26 30.08
N GLY A 28 40.41 1.95 29.98
CA GLY A 28 41.70 1.35 29.70
C GLY A 28 41.70 0.55 28.40
N GLU A 29 42.86 0.04 27.98
CA GLU A 29 43.03 -0.76 26.76
C GLU A 29 42.40 -2.17 26.89
N GLU A 30 42.27 -2.67 28.13
CA GLU A 30 41.72 -3.99 28.44
C GLU A 30 40.44 -3.90 29.25
N GLU A 31 40.49 -3.18 30.37
CA GLU A 31 39.39 -3.03 31.31
C GLU A 31 38.70 -1.68 31.15
N ALA A 32 37.51 -1.53 31.75
CA ALA A 32 36.72 -0.31 31.76
C ALA A 32 35.87 -0.32 33.00
N GLU A 33 35.73 0.84 33.62
CA GLU A 33 34.93 1.01 34.81
C GLU A 33 33.71 1.83 34.43
N VAL A 34 32.57 1.37 34.90
CA VAL A 34 31.29 1.97 34.58
C VAL A 34 30.54 2.06 35.88
N GLU A 35 29.50 2.91 35.88
CA GLU A 35 28.59 3.07 36.99
C GLU A 35 27.21 2.85 36.39
N LEU A 36 26.44 1.87 36.92
CA LEU A 36 25.08 1.62 36.41
C LEU A 36 24.17 2.80 36.69
N ALA A 37 23.37 3.20 35.69
CA ALA A 37 22.47 4.33 35.84
C ALA A 37 21.38 4.05 36.88
N GLU A 38 20.70 2.88 36.77
CA GLU A 38 19.60 2.46 37.66
C GLU A 38 19.98 2.43 39.16
N SER A 39 20.98 1.59 39.54
CA SER A 39 21.39 1.41 40.93
C SER A 39 22.58 2.27 41.43
N GLY A 40 23.41 2.77 40.51
CA GLY A 40 24.61 3.54 40.86
C GLY A 40 25.80 2.64 41.14
N ARG A 41 25.62 1.31 41.01
CA ARG A 41 26.65 0.30 41.24
C ARG A 41 27.82 0.44 40.27
N ARG A 42 29.03 0.38 40.83
CA ARG A 42 30.27 0.43 40.08
C ARG A 42 30.62 -0.97 39.63
N LEU A 43 31.25 -1.06 38.46
CA LEU A 43 31.56 -2.33 37.84
C LEU A 43 32.78 -2.20 36.96
N ARG A 44 33.65 -3.19 37.02
CA ARG A 44 34.83 -3.30 36.17
C ARG A 44 34.51 -4.42 35.18
N LEU A 45 34.60 -4.13 33.88
CA LEU A 45 34.33 -5.11 32.84
C LEU A 45 35.26 -4.91 31.65
N PRO A 46 35.53 -5.94 30.79
CA PRO A 46 36.42 -5.69 29.65
C PRO A 46 35.82 -4.67 28.70
N ARG A 47 36.66 -3.88 28.10
CA ARG A 47 36.21 -2.82 27.25
C ARG A 47 35.40 -3.31 26.08
N ASP A 48 35.73 -4.45 25.53
CA ASP A 48 35.00 -4.99 24.40
C ASP A 48 33.50 -5.10 24.69
N GLN A 49 33.13 -5.46 25.92
CA GLN A 49 31.73 -5.61 26.20
C GLN A 49 30.88 -4.33 26.16
N ILE A 50 31.50 -3.17 26.11
CA ILE A 50 30.81 -1.88 26.09
C ILE A 50 30.19 -1.69 24.71
N GLN A 51 28.98 -1.15 24.64
CA GLN A 51 28.32 -0.85 23.38
C GLN A 51 27.94 0.59 23.39
N ARG A 52 28.32 1.31 22.31
CA ARG A 52 28.03 2.74 22.13
C ARG A 52 26.52 2.92 22.07
N MET A 53 26.03 3.99 22.71
CA MET A 53 24.63 4.31 22.85
C MET A 53 24.32 5.55 22.01
N ASN A 54 23.12 5.59 21.41
CA ASN A 54 22.62 6.68 20.57
C ASN A 54 22.11 7.83 21.44
N PRO A 55 22.22 9.10 20.95
CA PRO A 55 21.71 10.24 21.74
C PRO A 55 20.16 10.27 21.76
N PRO A 56 19.50 11.03 22.67
CA PRO A 56 18.02 10.98 22.74
C PRO A 56 17.21 11.46 21.53
N LYS A 57 17.84 12.03 20.46
CA LYS A 57 17.11 12.43 19.24
C LYS A 57 16.72 11.16 18.43
N PHE A 58 17.43 10.01 18.68
CA PHE A 58 17.18 8.72 18.05
C PHE A 58 16.13 7.87 18.81
N SER A 59 15.48 8.45 19.86
CA SER A 59 14.43 7.77 20.62
C SER A 59 13.22 7.37 19.75
N LYS A 60 12.75 6.13 19.92
CA LYS A 60 11.64 5.55 19.17
C LYS A 60 11.77 5.76 17.65
N ALA A 61 13.00 5.59 17.13
CA ALA A 61 13.34 5.72 15.72
C ALA A 61 12.54 4.68 14.88
N GLU A 62 11.95 5.16 13.79
CA GLU A 62 11.10 4.40 12.88
C GLU A 62 11.90 3.40 12.06
N ASP A 63 13.03 3.85 11.54
CA ASP A 63 13.90 2.99 10.76
C ASP A 63 15.20 2.92 11.54
N MET A 64 15.58 1.73 11.96
CA MET A 64 16.80 1.51 12.69
C MET A 64 18.08 1.63 11.89
N ALA A 65 17.98 1.50 10.59
CA ALA A 65 19.12 1.67 9.69
C ALA A 65 19.63 3.13 9.68
N GLU A 66 18.95 4.04 10.41
CA GLU A 66 19.29 5.47 10.52
C GLU A 66 20.12 5.80 11.80
N LEU A 67 20.15 4.88 12.81
CA LEU A 67 20.90 5.05 14.06
C LEU A 67 22.38 5.24 13.76
N THR A 68 23.05 6.12 14.52
CA THR A 68 24.48 6.37 14.38
C THR A 68 25.23 5.13 14.82
N CYS A 69 24.90 4.61 16.02
CA CYS A 69 25.55 3.44 16.59
C CYS A 69 24.62 2.25 16.43
N LEU A 70 24.95 1.32 15.50
CA LEU A 70 24.14 0.11 15.29
C LEU A 70 24.78 -1.14 15.88
N ASN A 71 24.21 -1.56 17.00
CA ASN A 71 24.67 -2.71 17.76
C ASN A 71 23.43 -3.33 18.42
N GLU A 72 23.54 -4.51 19.06
CA GLU A 72 22.39 -5.23 19.66
C GLU A 72 21.63 -4.43 20.72
N ALA A 73 22.37 -3.78 21.61
CA ALA A 73 21.86 -2.99 22.71
C ALA A 73 21.00 -1.84 22.31
N SER A 74 21.31 -1.18 21.17
CA SER A 74 20.55 -0.02 20.68
C SER A 74 19.32 -0.44 19.93
N VAL A 75 19.45 -1.53 19.19
CA VAL A 75 18.33 -2.13 18.46
C VAL A 75 17.32 -2.62 19.51
N LEU A 76 17.79 -3.35 20.52
CA LEU A 76 16.95 -3.83 21.61
C LEU A 76 16.20 -2.64 22.25
N HIS A 77 16.96 -1.61 22.71
CA HIS A 77 16.40 -0.41 23.34
C HIS A 77 15.39 0.34 22.45
N ASN A 78 15.70 0.51 21.15
CA ASN A 78 14.76 1.19 20.27
C ASN A 78 13.42 0.43 20.13
N LEU A 79 13.46 -0.91 19.98
CA LEU A 79 12.29 -1.78 19.90
C LEU A 79 11.52 -1.73 21.21
N ARG A 80 12.24 -1.89 22.35
CA ARG A 80 11.62 -1.89 23.68
C ARG A 80 10.86 -0.58 23.96
N GLU A 81 11.53 0.61 23.77
CA GLU A 81 10.92 1.94 23.94
C GLU A 81 9.67 2.07 23.07
N ARG A 82 9.78 1.74 21.77
CA ARG A 82 8.67 1.77 20.81
C ARG A 82 7.53 0.87 21.30
N TYR A 83 7.83 -0.39 21.63
CA TYR A 83 6.86 -1.40 22.09
C TYR A 83 6.03 -0.97 23.33
N TYR A 84 6.72 -0.40 24.36
CA TYR A 84 6.10 0.06 25.59
C TYR A 84 5.26 1.37 25.41
N SER A 85 5.30 1.99 24.20
CA SER A 85 4.48 3.11 23.78
C SER A 85 3.29 2.60 22.94
N GLY A 86 3.25 1.29 22.70
CA GLY A 86 2.22 0.67 21.87
C GLY A 86 2.52 0.80 20.38
N LEU A 87 3.85 0.91 20.04
CA LEU A 87 4.38 1.02 18.67
C LEU A 87 5.04 -0.33 18.40
N ILE A 88 4.27 -1.26 17.81
CA ILE A 88 4.70 -2.64 17.59
C ILE A 88 5.52 -2.85 16.30
N TYR A 89 5.35 -1.98 15.30
CA TYR A 89 6.08 -2.05 14.02
C TYR A 89 7.28 -1.09 13.99
N THR A 90 8.41 -1.55 13.44
CA THR A 90 9.64 -0.78 13.28
C THR A 90 10.37 -1.27 12.04
N TYR A 91 10.86 -0.36 11.21
CA TYR A 91 11.67 -0.71 10.04
C TYR A 91 13.12 -1.05 10.39
N SER A 92 13.76 -1.90 9.58
CA SER A 92 15.18 -2.21 9.81
C SER A 92 15.83 -2.38 8.45
N GLY A 93 16.12 -1.25 7.82
CA GLY A 93 16.60 -1.25 6.45
C GLY A 93 15.43 -1.58 5.53
N LEU A 94 15.64 -2.48 4.57
CA LEU A 94 14.60 -2.90 3.59
C LEU A 94 13.48 -3.79 4.17
N PHE A 95 13.53 -4.16 5.44
CA PHE A 95 12.48 -5.04 5.96
C PHE A 95 11.84 -4.46 7.22
N CYS A 96 10.83 -5.16 7.75
CA CYS A 96 10.06 -4.66 8.88
C CYS A 96 10.09 -5.62 10.02
N VAL A 97 10.09 -5.12 11.24
CA VAL A 97 10.06 -5.94 12.43
C VAL A 97 8.72 -5.64 13.14
N VAL A 98 8.04 -6.71 13.66
CA VAL A 98 6.79 -6.51 14.41
C VAL A 98 6.86 -7.34 15.71
N ILE A 99 6.39 -6.78 16.82
CA ILE A 99 6.38 -7.48 18.10
C ILE A 99 4.92 -7.68 18.47
N ASN A 100 4.54 -8.89 18.86
CA ASN A 100 3.15 -9.15 19.19
C ASN A 100 2.86 -8.59 20.58
N PRO A 101 1.89 -7.66 20.64
CA PRO A 101 1.40 -6.97 21.85
C PRO A 101 0.67 -7.89 22.82
N TYR A 102 -0.14 -8.81 22.29
CA TYR A 102 -0.97 -9.67 23.16
C TYR A 102 -2.14 -8.92 23.82
N LYS A 103 -2.64 -7.89 23.14
CA LYS A 103 -3.82 -7.11 23.51
C LYS A 103 -4.38 -6.49 22.25
N GLN A 104 -5.62 -6.03 22.30
CA GLN A 104 -6.25 -5.35 21.17
C GLN A 104 -5.68 -3.94 21.11
N LEU A 105 -5.30 -3.49 19.92
CA LEU A 105 -4.78 -2.12 19.73
C LEU A 105 -5.59 -1.37 18.68
N PRO A 106 -5.94 -0.08 18.91
CA PRO A 106 -6.72 0.67 17.90
C PRO A 106 -5.90 1.15 16.68
N ILE A 107 -5.11 0.26 16.05
CA ILE A 107 -4.23 0.64 14.94
C ILE A 107 -4.65 0.01 13.58
N TYR A 108 -5.81 -0.66 13.52
CA TYR A 108 -6.22 -1.30 12.29
C TYR A 108 -7.59 -0.86 11.74
N THR A 109 -7.98 0.40 11.99
CA THR A 109 -9.29 0.91 11.50
C THR A 109 -9.31 1.26 10.01
N GLU A 110 -10.52 1.52 9.44
CA GLU A 110 -10.71 1.96 8.05
C GLU A 110 -10.04 3.34 7.84
N ALA A 111 -10.01 4.19 8.89
CA ALA A 111 -9.37 5.50 8.79
C ALA A 111 -7.84 5.38 8.70
N ILE A 112 -7.26 4.39 9.40
CA ILE A 112 -5.81 4.19 9.36
C ILE A 112 -5.43 3.56 7.99
N VAL A 113 -6.31 2.70 7.40
CA VAL A 113 -6.12 2.11 6.07
C VAL A 113 -5.98 3.24 5.03
N GLU A 114 -6.95 4.19 5.01
CA GLU A 114 -7.00 5.38 4.14
C GLU A 114 -5.77 6.28 4.22
N MET A 115 -5.20 6.41 5.44
CA MET A 115 -3.98 7.19 5.76
C MET A 115 -2.72 6.60 5.09
N TYR A 116 -2.73 5.30 4.76
CA TYR A 116 -1.57 4.69 4.14
C TYR A 116 -1.60 4.72 2.62
N ARG A 117 -2.80 4.85 2.05
CA ARG A 117 -2.99 4.85 0.60
C ARG A 117 -2.15 5.87 -0.15
N GLY A 118 -1.37 5.40 -1.12
CA GLY A 118 -0.52 6.26 -1.95
C GLY A 118 0.57 6.98 -1.19
N LYS A 119 0.92 6.51 0.02
CA LYS A 119 1.97 7.14 0.80
C LYS A 119 3.27 6.35 0.65
N LYS A 120 4.39 7.06 0.76
CA LYS A 120 5.74 6.53 0.71
C LYS A 120 6.11 6.04 2.13
N ARG A 121 6.91 4.96 2.23
CA ARG A 121 7.30 4.32 3.49
C ARG A 121 7.79 5.30 4.57
N HIS A 122 8.54 6.32 4.18
CA HIS A 122 9.06 7.32 5.12
C HIS A 122 8.02 8.41 5.48
N GLU A 123 6.94 8.52 4.69
CA GLU A 123 5.92 9.58 4.89
C GLU A 123 4.95 9.28 6.03
N VAL A 124 4.84 7.98 6.38
CA VAL A 124 3.91 7.44 7.36
C VAL A 124 4.61 6.57 8.40
N PRO A 125 4.10 6.44 9.68
CA PRO A 125 4.80 5.58 10.66
C PRO A 125 4.87 4.11 10.23
N PRO A 126 5.82 3.29 10.78
CA PRO A 126 5.86 1.86 10.38
C PRO A 126 4.56 1.14 10.66
N HIS A 127 4.13 0.30 9.72
CA HIS A 127 2.89 -0.47 9.82
C HIS A 127 2.90 -1.53 8.75
N VAL A 128 2.10 -2.58 8.95
CA VAL A 128 1.88 -3.66 7.97
C VAL A 128 1.25 -3.12 6.67
N TYR A 129 0.40 -2.07 6.79
CA TYR A 129 -0.27 -1.40 5.67
C TYR A 129 0.73 -0.76 4.74
N ALA A 130 1.79 -0.13 5.29
CA ALA A 130 2.81 0.51 4.48
C ALA A 130 3.61 -0.55 3.71
N VAL A 131 3.86 -1.68 4.35
CA VAL A 131 4.54 -2.82 3.73
C VAL A 131 3.69 -3.38 2.62
N THR A 132 2.40 -3.48 2.87
CA THR A 132 1.47 -3.95 1.89
C THR A 132 1.38 -2.96 0.74
N GLU A 133 1.34 -1.69 1.07
CA GLU A 133 1.26 -0.62 0.08
C GLU A 133 2.47 -0.55 -0.82
N GLY A 134 3.64 -0.72 -0.24
CA GLY A 134 4.91 -0.76 -0.94
C GLY A 134 4.97 -1.85 -1.99
N ALA A 135 4.54 -3.10 -1.62
CA ALA A 135 4.52 -4.28 -2.47
C ALA A 135 3.49 -4.12 -3.56
N TYR A 136 2.30 -3.61 -3.21
CA TYR A 136 1.19 -3.31 -4.13
C TYR A 136 1.63 -2.28 -5.18
N ARG A 137 2.31 -1.19 -4.75
CA ARG A 137 2.83 -0.14 -5.61
C ARG A 137 3.99 -0.63 -6.46
N SER A 138 4.85 -1.49 -5.89
CA SER A 138 5.97 -2.07 -6.64
C SER A 138 5.45 -2.95 -7.80
N MET A 139 4.40 -3.72 -7.56
CA MET A 139 3.80 -4.61 -8.55
C MET A 139 3.21 -3.75 -9.69
N LEU A 140 2.49 -2.68 -9.32
CA LEU A 140 1.82 -1.74 -10.26
C LEU A 140 2.78 -1.01 -11.17
N GLN A 141 3.98 -0.69 -10.67
CA GLN A 141 4.99 0.03 -11.42
C GLN A 141 6.00 -0.78 -12.21
N ASP A 142 6.51 -1.84 -11.62
CA ASP A 142 7.47 -2.68 -12.27
C ASP A 142 6.84 -3.82 -13.01
N ARG A 143 5.56 -3.99 -12.80
CA ARG A 143 4.78 -5.07 -13.38
C ARG A 143 5.40 -6.42 -13.06
N GLU A 144 5.75 -6.58 -11.80
CA GLU A 144 6.37 -7.81 -11.30
C GLU A 144 5.57 -8.44 -10.22
N ASP A 145 5.65 -9.75 -10.13
CA ASP A 145 4.95 -10.51 -9.10
C ASP A 145 5.61 -10.28 -7.76
N GLN A 146 4.84 -9.94 -6.76
CA GLN A 146 5.38 -9.64 -5.44
C GLN A 146 4.99 -10.75 -4.42
N SER A 147 5.72 -10.81 -3.28
CA SER A 147 5.43 -11.69 -2.15
C SER A 147 5.74 -11.01 -0.80
N ILE A 148 4.83 -11.17 0.19
CA ILE A 148 4.97 -10.71 1.58
C ILE A 148 5.20 -11.97 2.48
N LEU A 149 6.40 -12.07 3.08
CA LEU A 149 6.79 -13.25 3.85
C LEU A 149 6.93 -12.96 5.33
N CYS A 150 6.00 -13.51 6.14
CA CYS A 150 5.98 -13.36 7.58
C CYS A 150 6.85 -14.41 8.26
N THR A 151 8.02 -14.07 8.77
CA THR A 151 8.81 -15.06 9.50
C THR A 151 8.43 -14.97 10.97
N GLY A 152 8.78 -16.01 11.71
CA GLY A 152 8.49 -15.99 13.13
C GLY A 152 8.22 -17.36 13.71
N GLU A 153 8.53 -17.51 14.99
CA GLU A 153 8.26 -18.73 15.73
C GLU A 153 6.78 -18.78 16.08
N SER A 154 6.33 -19.86 16.71
CA SER A 154 4.94 -20.09 17.08
C SER A 154 4.39 -19.03 18.04
N GLY A 155 3.35 -18.36 17.58
CA GLY A 155 2.64 -17.32 18.30
C GLY A 155 3.27 -15.95 18.19
N ALA A 156 4.18 -15.73 17.21
CA ALA A 156 4.84 -14.41 17.04
C ALA A 156 3.92 -13.40 16.41
N GLY A 157 3.08 -13.83 15.47
CA GLY A 157 2.11 -12.91 14.85
C GLY A 157 1.95 -12.96 13.35
N LYS A 158 2.49 -13.99 12.68
CA LYS A 158 2.45 -14.24 11.24
C LYS A 158 1.04 -14.24 10.62
N THR A 159 0.17 -15.03 11.23
CA THR A 159 -1.22 -15.20 10.85
C THR A 159 -2.03 -13.94 11.03
N GLU A 160 -1.84 -13.25 12.14
CA GLU A 160 -2.50 -12.00 12.42
C GLU A 160 -2.06 -10.94 11.45
N ASN A 161 -0.79 -10.94 11.09
CA ASN A 161 -0.27 -9.94 10.15
C ASN A 161 -0.74 -10.21 8.72
N THR A 162 -0.81 -11.51 8.34
CA THR A 162 -1.30 -11.98 7.04
C THR A 162 -2.75 -11.45 6.76
N LYS A 163 -3.62 -11.53 7.79
CA LYS A 163 -5.01 -11.09 7.77
C LYS A 163 -5.11 -9.58 7.56
N LYS A 164 -4.13 -8.87 8.06
CA LYS A 164 -4.03 -7.42 7.93
C LYS A 164 -3.61 -6.99 6.52
N VAL A 165 -2.83 -7.81 5.82
CA VAL A 165 -2.37 -7.59 4.45
C VAL A 165 -3.59 -7.74 3.57
N ILE A 166 -4.34 -8.83 3.79
CA ILE A 166 -5.55 -9.13 3.05
C ILE A 166 -6.61 -8.03 3.25
N GLN A 167 -6.81 -7.59 4.51
CA GLN A 167 -7.76 -6.51 4.84
C GLN A 167 -7.38 -5.22 4.06
N TYR A 168 -6.08 -4.85 4.01
CA TYR A 168 -5.61 -3.68 3.26
C TYR A 168 -5.89 -3.79 1.77
N LEU A 169 -5.47 -4.89 1.14
CA LEU A 169 -5.65 -5.11 -0.31
C LEU A 169 -7.10 -5.15 -0.73
N ALA A 170 -7.95 -5.86 0.04
CA ALA A 170 -9.39 -6.00 -0.25
C ALA A 170 -10.11 -4.66 -0.18
N HIS A 171 -9.59 -3.75 0.64
CA HIS A 171 -10.18 -2.45 0.80
C HIS A 171 -9.75 -1.49 -0.31
N VAL A 172 -8.43 -1.38 -0.56
CA VAL A 172 -7.82 -0.40 -1.49
C VAL A 172 -7.74 -0.88 -2.96
N ALA A 173 -7.92 -2.17 -3.21
CA ALA A 173 -7.74 -2.70 -4.55
C ALA A 173 -8.92 -3.48 -5.11
N SER A 174 -10.14 -3.14 -4.65
CA SER A 174 -11.37 -3.72 -5.20
C SER A 174 -11.77 -2.86 -6.39
N SER A 175 -12.23 -3.49 -7.49
CA SER A 175 -12.63 -2.77 -8.72
C SER A 175 -14.00 -2.03 -8.60
N PRO A 176 -14.44 -1.17 -9.58
CA PRO A 176 -15.78 -0.55 -9.49
C PRO A 176 -16.89 -1.61 -9.52
N LYS A 177 -16.54 -2.82 -10.02
CA LYS A 177 -17.38 -4.01 -9.97
C LYS A 177 -17.02 -4.66 -8.64
N GLY A 178 -18.04 -5.07 -7.90
CA GLY A 178 -17.81 -5.64 -6.57
C GLY A 178 -17.86 -4.57 -5.51
N ARG A 179 -18.13 -3.34 -5.94
CA ARG A 179 -18.35 -2.14 -5.14
C ARG A 179 -19.16 -1.21 -6.01
N LYS A 180 -20.30 -1.76 -6.49
CA LYS A 180 -21.30 -1.11 -7.33
C LYS A 180 -21.81 0.11 -6.56
N GLU A 181 -22.14 -0.10 -5.27
CA GLU A 181 -22.58 0.94 -4.35
C GLU A 181 -21.51 1.26 -3.30
N PRO A 182 -21.14 2.56 -3.15
CA PRO A 182 -20.12 2.93 -2.16
C PRO A 182 -20.49 2.59 -0.72
N GLY A 183 -19.50 2.14 0.05
CA GLY A 183 -19.66 1.76 1.46
C GLY A 183 -20.00 0.30 1.67
N VAL A 184 -20.61 -0.34 0.64
CA VAL A 184 -21.00 -1.75 0.68
C VAL A 184 -19.95 -2.63 -0.02
N PRO A 185 -19.24 -3.52 0.73
CA PRO A 185 -18.28 -4.43 0.09
C PRO A 185 -19.04 -5.44 -0.75
N GLY A 186 -18.50 -5.77 -1.91
CA GLY A 186 -19.11 -6.73 -2.82
C GLY A 186 -18.79 -8.16 -2.49
N GLU A 187 -19.27 -9.06 -3.35
CA GLU A 187 -19.09 -10.49 -3.19
C GLU A 187 -17.63 -10.89 -3.00
N LEU A 188 -16.75 -10.61 -3.99
CA LEU A 188 -15.35 -10.95 -3.90
C LEU A 188 -14.66 -10.48 -2.60
N GLU A 189 -14.85 -9.21 -2.18
CA GLU A 189 -14.27 -8.64 -0.97
C GLU A 189 -14.73 -9.43 0.26
N ARG A 190 -16.06 -9.58 0.45
CA ARG A 190 -16.66 -10.31 1.56
C ARG A 190 -16.13 -11.73 1.70
N GLN A 191 -16.06 -12.46 0.59
CA GLN A 191 -15.60 -13.85 0.57
C GLN A 191 -14.11 -13.94 0.93
N LEU A 192 -13.28 -13.14 0.23
CA LEU A 192 -11.84 -13.00 0.36
C LEU A 192 -11.44 -12.83 1.81
N LEU A 193 -12.25 -12.09 2.58
CA LEU A 193 -12.01 -11.85 4.00
C LEU A 193 -12.59 -12.96 4.89
N GLN A 194 -13.61 -13.70 4.42
CA GLN A 194 -14.21 -14.79 5.20
C GLN A 194 -13.54 -16.17 4.95
N ALA A 195 -12.46 -16.20 4.12
CA ALA A 195 -11.80 -17.44 3.75
C ALA A 195 -10.83 -17.90 4.83
N ASN A 196 -10.09 -16.96 5.47
CA ASN A 196 -9.18 -17.28 6.56
C ASN A 196 -9.92 -17.81 7.80
N PRO A 197 -10.98 -17.15 8.36
CA PRO A 197 -11.69 -17.74 9.52
C PRO A 197 -12.15 -19.17 9.28
N ILE A 198 -12.56 -19.50 8.02
CA ILE A 198 -13.01 -20.85 7.59
C ILE A 198 -11.85 -21.85 7.72
N LEU A 199 -10.66 -21.47 7.23
CA LEU A 199 -9.49 -22.35 7.33
C LEU A 199 -9.02 -22.42 8.75
N GLU A 200 -9.20 -21.35 9.52
CA GLU A 200 -8.80 -21.39 10.91
C GLU A 200 -9.70 -22.29 11.74
N ALA A 201 -10.96 -22.43 11.37
CA ALA A 201 -11.86 -23.32 12.11
C ALA A 201 -11.48 -24.78 11.90
N PHE A 202 -11.07 -25.16 10.69
CA PHE A 202 -10.68 -26.54 10.36
C PHE A 202 -9.19 -26.85 10.45
N GLY A 203 -8.35 -25.83 10.51
CA GLY A 203 -6.91 -26.04 10.53
C GLY A 203 -6.12 -25.46 11.69
N ASN A 204 -6.77 -24.69 12.59
CA ASN A 204 -6.13 -24.12 13.75
C ASN A 204 -6.57 -24.84 14.98
N ALA A 205 -5.72 -24.80 16.03
CA ALA A 205 -5.95 -25.50 17.29
C ALA A 205 -5.17 -24.83 18.39
N LYS A 206 -5.54 -25.08 19.63
CA LYS A 206 -4.80 -24.52 20.75
C LYS A 206 -3.61 -25.43 21.05
N THR A 207 -2.40 -24.86 20.96
CA THR A 207 -1.19 -25.56 21.41
C THR A 207 -0.73 -24.80 22.64
N VAL A 208 0.26 -25.34 23.37
CA VAL A 208 0.86 -24.65 24.54
C VAL A 208 1.45 -23.28 24.13
N LYS A 209 1.88 -23.12 22.85
CA LYS A 209 2.53 -21.92 22.33
C LYS A 209 1.57 -20.88 21.81
N ASN A 210 0.42 -21.31 21.31
CA ASN A 210 -0.57 -20.43 20.72
C ASN A 210 -1.97 -21.03 20.83
N ASP A 211 -2.95 -20.23 21.22
CA ASP A 211 -4.34 -20.62 21.36
C ASP A 211 -5.05 -20.81 20.03
N ASN A 212 -4.50 -20.20 19.01
CA ASN A 212 -5.03 -20.23 17.65
C ASN A 212 -3.87 -20.58 16.71
N SER A 213 -3.19 -21.68 16.99
CA SER A 213 -2.03 -22.13 16.24
C SER A 213 -2.42 -22.68 14.86
N SER A 214 -1.75 -22.24 13.79
CA SER A 214 -1.96 -22.76 12.43
C SER A 214 -1.23 -24.06 12.38
N ARG A 215 -1.98 -25.15 12.08
CA ARG A 215 -1.46 -26.50 12.03
C ARG A 215 -1.31 -26.94 10.59
N PHE A 216 -1.08 -25.95 9.72
CA PHE A 216 -0.87 -26.13 8.28
C PHE A 216 -0.22 -24.84 7.81
N GLY A 217 0.49 -24.90 6.69
CA GLY A 217 1.07 -23.71 6.05
C GLY A 217 0.19 -23.27 4.92
N LYS A 218 0.27 -21.99 4.53
CA LYS A 218 -0.53 -21.53 3.40
C LYS A 218 0.14 -20.42 2.62
N PHE A 219 -0.01 -20.49 1.31
CA PHE A 219 0.49 -19.46 0.41
C PHE A 219 -0.76 -18.98 -0.27
N ILE A 220 -1.05 -17.71 -0.19
CA ILE A 220 -2.20 -17.18 -0.83
C ILE A 220 -1.78 -16.28 -1.96
N ARG A 221 -2.38 -16.44 -3.10
CA ARG A 221 -2.09 -15.59 -4.24
C ARG A 221 -3.26 -14.70 -4.52
N ILE A 222 -3.03 -13.42 -4.64
CA ILE A 222 -4.09 -12.53 -4.99
C ILE A 222 -3.81 -12.10 -6.41
N ASN A 223 -4.77 -12.37 -7.30
CA ASN A 223 -4.64 -12.05 -8.71
C ASN A 223 -5.25 -10.71 -9.03
N PHE A 224 -4.47 -9.90 -9.73
CA PHE A 224 -4.88 -8.57 -10.12
C PHE A 224 -4.99 -8.36 -11.63
N ASP A 225 -5.88 -7.45 -12.06
CA ASP A 225 -6.03 -7.01 -13.45
C ASP A 225 -5.02 -5.93 -13.87
N VAL A 226 -4.77 -5.82 -15.18
CA VAL A 226 -3.81 -4.86 -15.70
C VAL A 226 -4.07 -3.43 -15.14
N ALA A 227 -5.26 -3.20 -14.55
CA ALA A 227 -5.58 -1.90 -13.95
C ALA A 227 -5.27 -1.85 -12.44
N GLY A 228 -4.59 -2.89 -11.95
CA GLY A 228 -4.22 -3.09 -10.55
C GLY A 228 -5.34 -3.38 -9.58
N TYR A 229 -6.41 -4.05 -10.03
CA TYR A 229 -7.58 -4.37 -9.20
C TYR A 229 -7.64 -5.86 -8.97
N ILE A 230 -8.10 -6.29 -7.78
CA ILE A 230 -8.23 -7.73 -7.44
C ILE A 230 -9.26 -8.37 -8.35
N VAL A 231 -8.90 -9.51 -9.00
CA VAL A 231 -9.78 -10.30 -9.89
C VAL A 231 -10.06 -11.72 -9.35
N GLY A 232 -9.24 -12.17 -8.41
CA GLY A 232 -9.35 -13.50 -7.82
C GLY A 232 -8.26 -13.76 -6.78
N ALA A 233 -8.33 -14.95 -6.18
CA ALA A 233 -7.36 -15.40 -5.20
C ALA A 233 -7.28 -16.91 -5.28
N ASN A 234 -6.12 -17.46 -4.96
CA ASN A 234 -5.90 -18.90 -4.98
C ASN A 234 -5.24 -19.32 -3.69
N ILE A 235 -5.63 -20.47 -3.15
CA ILE A 235 -5.04 -20.92 -1.89
C ILE A 235 -4.31 -22.26 -2.00
N GLU A 236 -3.07 -22.26 -1.52
CA GLU A 236 -2.25 -23.45 -1.48
C GLU A 236 -2.07 -23.73 0.00
N THR A 237 -2.28 -24.96 0.45
CA THR A 237 -2.05 -25.31 1.84
C THR A 237 -0.99 -26.36 1.88
N TYR A 238 -0.28 -26.41 2.96
CA TYR A 238 0.77 -27.36 3.05
C TYR A 238 0.78 -28.09 4.35
N LEU A 239 0.97 -29.38 4.28
CA LEU A 239 1.16 -30.21 5.44
C LEU A 239 0.26 -30.07 6.66
N LEU A 240 -1.01 -30.38 6.53
CA LEU A 240 -1.91 -30.34 7.66
C LEU A 240 -1.46 -31.35 8.72
N GLU A 241 -1.52 -30.97 9.98
CA GLU A 241 -1.11 -31.84 11.11
C GLU A 241 -2.32 -32.75 11.44
N LYS A 242 -2.63 -33.66 10.51
CA LYS A 242 -3.83 -34.54 10.58
C LYS A 242 -3.90 -35.42 11.83
N SER A 243 -2.75 -35.72 12.50
CA SER A 243 -2.64 -36.52 13.73
C SER A 243 -3.30 -35.82 14.92
N ARG A 244 -3.48 -34.49 14.84
CA ARG A 244 -4.16 -33.71 15.88
C ARG A 244 -5.65 -34.07 15.96
N ALA A 245 -6.18 -34.73 14.90
CA ALA A 245 -7.56 -35.16 14.90
C ALA A 245 -7.76 -36.34 15.86
N ILE A 246 -6.72 -37.16 16.08
CA ILE A 246 -6.82 -38.38 16.89
C ILE A 246 -6.23 -38.25 18.32
N ARG A 247 -5.17 -37.43 18.54
CA ARG A 247 -4.59 -37.17 19.86
C ARG A 247 -3.85 -35.83 19.93
N GLN A 248 -3.93 -35.20 21.12
CA GLN A 248 -3.33 -33.91 21.49
C GLN A 248 -2.63 -34.14 22.81
N ALA A 249 -1.57 -33.36 23.10
CA ALA A 249 -0.80 -33.44 24.32
C ALA A 249 -1.47 -32.64 25.45
N LYS A 250 -0.85 -32.64 26.65
CA LYS A 250 -1.28 -31.95 27.87
C LYS A 250 -1.50 -30.46 27.62
N ASP A 251 -2.66 -29.93 28.06
CA ASP A 251 -3.05 -28.54 27.89
C ASP A 251 -3.32 -28.15 26.42
N GLU A 252 -3.39 -29.13 25.51
CA GLU A 252 -3.65 -28.86 24.09
C GLU A 252 -4.99 -29.40 23.62
N CYS A 253 -5.55 -28.74 22.62
CA CYS A 253 -6.84 -29.14 22.04
C CYS A 253 -6.68 -29.58 20.61
N SER A 254 -7.74 -30.24 20.11
CA SER A 254 -7.86 -30.67 18.72
C SER A 254 -8.23 -29.41 17.89
N PHE A 255 -8.66 -29.62 16.64
CA PHE A 255 -9.06 -28.52 15.79
C PHE A 255 -10.26 -27.85 16.44
N HIS A 256 -10.38 -26.54 16.27
CA HIS A 256 -11.46 -25.78 16.88
C HIS A 256 -12.85 -26.23 16.43
N ILE A 257 -13.02 -26.54 15.16
CA ILE A 257 -14.33 -26.95 14.66
C ILE A 257 -14.98 -28.02 15.55
N PHE A 258 -14.19 -29.00 16.04
CA PHE A 258 -14.66 -30.06 16.92
C PHE A 258 -15.45 -29.54 18.13
N TYR A 259 -14.91 -28.48 18.76
CA TYR A 259 -15.42 -27.82 19.96
C TYR A 259 -16.64 -26.95 19.67
N GLN A 260 -16.58 -26.14 18.59
CA GLN A 260 -17.66 -25.27 18.10
C GLN A 260 -18.92 -26.11 17.78
N LEU A 261 -18.74 -27.23 17.09
CA LEU A 261 -19.81 -28.16 16.77
C LEU A 261 -20.44 -28.80 18.02
N LEU A 262 -19.62 -29.39 18.91
CA LEU A 262 -20.12 -30.09 20.10
C LEU A 262 -20.77 -29.17 21.14
N GLY A 263 -20.21 -27.99 21.35
CA GLY A 263 -20.74 -27.02 22.29
C GLY A 263 -21.80 -26.08 21.74
N GLY A 264 -21.75 -25.84 20.43
CA GLY A 264 -22.64 -24.90 19.76
C GLY A 264 -23.88 -25.38 19.02
N ALA A 265 -23.98 -26.69 18.70
CA ALA A 265 -25.13 -27.23 17.95
C ALA A 265 -26.44 -27.27 18.73
N GLY A 266 -27.55 -27.12 18.00
CA GLY A 266 -28.89 -27.17 18.55
C GLY A 266 -29.31 -28.60 18.78
N GLU A 267 -30.37 -28.82 19.58
CA GLU A 267 -30.87 -30.16 19.92
C GLU A 267 -31.13 -31.05 18.70
N GLN A 268 -31.63 -30.45 17.60
CA GLN A 268 -31.90 -31.16 16.35
C GLN A 268 -30.62 -31.48 15.56
N LEU A 269 -29.60 -30.60 15.64
CA LEU A 269 -28.33 -30.84 14.96
C LEU A 269 -27.50 -31.91 15.71
N LYS A 270 -27.68 -32.02 17.03
CA LYS A 270 -27.06 -33.05 17.85
C LYS A 270 -27.73 -34.39 17.49
N ALA A 271 -29.06 -34.34 17.21
CA ALA A 271 -29.90 -35.47 16.81
C ALA A 271 -29.56 -36.00 15.41
N ASP A 272 -29.57 -35.14 14.38
CA ASP A 272 -29.31 -35.50 12.99
C ASP A 272 -27.88 -35.94 12.66
N LEU A 273 -26.90 -35.42 13.43
CA LEU A 273 -25.50 -35.77 13.25
C LEU A 273 -25.00 -36.75 14.31
N LEU A 274 -25.91 -37.19 15.18
CA LEU A 274 -25.61 -38.14 16.27
C LEU A 274 -24.46 -37.71 17.20
N LEU A 275 -24.42 -36.42 17.54
CA LEU A 275 -23.39 -35.88 18.43
C LEU A 275 -23.55 -36.36 19.87
N GLU A 276 -22.42 -36.50 20.58
CA GLU A 276 -22.44 -36.95 21.97
C GLU A 276 -21.66 -35.95 22.83
N PRO A 277 -21.76 -35.95 24.18
CA PRO A 277 -20.93 -35.02 24.97
C PRO A 277 -19.44 -35.19 24.71
N CYS A 278 -18.64 -34.17 25.08
CA CYS A 278 -17.20 -34.14 24.83
C CYS A 278 -16.46 -35.31 25.46
N SER A 279 -16.67 -35.55 26.78
CA SER A 279 -16.05 -36.64 27.57
C SER A 279 -16.25 -38.05 26.98
N HIS A 280 -17.21 -38.18 26.05
CA HIS A 280 -17.55 -39.42 25.39
C HIS A 280 -16.58 -39.74 24.26
N TYR A 281 -15.85 -38.73 23.73
CA TYR A 281 -14.92 -38.96 22.63
C TYR A 281 -13.49 -39.22 23.06
N ARG A 282 -12.95 -40.34 22.61
CA ARG A 282 -11.60 -40.81 22.85
C ARG A 282 -10.59 -39.87 22.16
N PHE A 283 -10.88 -39.49 20.91
CA PHE A 283 -10.06 -38.60 20.08
C PHE A 283 -9.88 -37.16 20.63
N LEU A 284 -10.71 -36.75 21.62
CA LEU A 284 -10.58 -35.47 22.29
C LEU A 284 -9.92 -35.79 23.63
N THR A 285 -8.58 -35.91 23.58
CA THR A 285 -7.70 -36.31 24.67
C THR A 285 -7.94 -35.61 26.01
N ASN A 286 -8.12 -34.28 26.01
CA ASN A 286 -8.25 -33.58 27.28
C ASN A 286 -9.68 -33.05 27.56
N GLY A 287 -10.65 -33.92 27.32
CA GLY A 287 -12.06 -33.71 27.59
C GLY A 287 -12.73 -32.47 27.01
N PRO A 288 -13.46 -31.75 27.87
CA PRO A 288 -14.28 -30.55 27.62
C PRO A 288 -13.45 -29.35 27.19
N SER A 289 -14.09 -28.44 26.45
CA SER A 289 -13.42 -27.27 25.93
C SER A 289 -12.83 -26.40 27.04
N SER A 290 -11.63 -25.92 26.79
CA SER A 290 -10.87 -25.10 27.71
C SER A 290 -11.63 -23.85 28.13
N SER A 291 -12.39 -23.34 27.19
CA SER A 291 -13.26 -22.17 27.35
C SER A 291 -14.64 -22.48 26.73
N PRO A 292 -15.68 -22.76 27.56
CA PRO A 292 -17.01 -23.12 27.02
C PRO A 292 -17.98 -21.93 26.88
N GLY A 293 -19.18 -22.23 26.37
CA GLY A 293 -20.23 -21.24 26.17
C GLY A 293 -20.03 -20.37 24.95
N GLN A 294 -18.80 -19.81 24.80
CA GLN A 294 -18.35 -18.97 23.68
C GLN A 294 -18.44 -19.72 22.34
N GLU A 295 -18.58 -21.05 22.40
CA GLU A 295 -18.65 -21.96 21.26
C GLU A 295 -19.90 -21.79 20.45
N ARG A 296 -21.05 -21.51 21.11
CA ARG A 296 -22.33 -21.27 20.43
C ARG A 296 -22.12 -20.11 19.46
N GLU A 297 -21.49 -19.02 19.96
CA GLU A 297 -21.12 -17.83 19.21
C GLU A 297 -20.13 -18.14 18.07
N LEU A 298 -18.99 -18.80 18.35
CA LEU A 298 -17.99 -19.12 17.33
C LEU A 298 -18.51 -20.06 16.23
N PHE A 299 -19.35 -21.02 16.60
CA PHE A 299 -19.97 -21.95 15.67
C PHE A 299 -20.79 -21.19 14.66
N GLN A 300 -21.70 -20.32 15.14
CA GLN A 300 -22.57 -19.46 14.34
C GLN A 300 -21.79 -18.55 13.37
N GLU A 301 -20.61 -18.08 13.78
CA GLU A 301 -19.72 -17.26 12.97
C GLU A 301 -19.12 -18.09 11.84
N THR A 302 -18.77 -19.37 12.13
CA THR A 302 -18.20 -20.28 11.12
C THR A 302 -19.25 -20.60 10.10
N LEU A 303 -20.50 -20.84 10.55
CA LEU A 303 -21.66 -21.12 9.71
C LEU A 303 -21.98 -19.94 8.80
N GLU A 304 -21.89 -18.71 9.33
CA GLU A 304 -22.14 -17.51 8.56
C GLU A 304 -21.05 -17.31 7.52
N SER A 305 -19.77 -17.53 7.89
CA SER A 305 -18.63 -17.41 6.96
C SER A 305 -18.79 -18.39 5.80
N LEU A 306 -19.20 -19.64 6.11
CA LEU A 306 -19.43 -20.68 5.10
C LEU A 306 -20.57 -20.24 4.16
N ARG A 307 -21.57 -19.52 4.72
CA ARG A 307 -22.70 -18.99 3.92
C ARG A 307 -22.25 -17.87 2.98
N VAL A 308 -21.31 -16.99 3.44
CA VAL A 308 -20.68 -15.91 2.65
C VAL A 308 -19.92 -16.56 1.46
N LEU A 309 -19.24 -17.66 1.72
CA LEU A 309 -18.62 -18.40 0.66
C LEU A 309 -19.73 -19.18 -0.04
N GLY A 310 -19.43 -19.79 -1.13
CA GLY A 310 -20.48 -20.46 -1.88
C GLY A 310 -21.29 -21.60 -1.29
N PHE A 311 -20.94 -22.10 -0.12
CA PHE A 311 -21.54 -23.28 0.45
C PHE A 311 -23.01 -23.31 0.74
N SER A 312 -23.60 -24.33 0.16
CA SER A 312 -25.02 -24.69 0.29
C SER A 312 -25.30 -25.36 1.65
N HIS A 313 -26.59 -25.45 2.06
CA HIS A 313 -26.99 -26.04 3.34
C HIS A 313 -26.59 -27.53 3.42
N GLU A 314 -26.73 -28.25 2.30
CA GLU A 314 -26.35 -29.65 2.19
C GLU A 314 -24.82 -29.78 2.25
N GLU A 315 -24.07 -28.74 1.82
CA GLU A 315 -22.62 -28.72 1.84
C GLU A 315 -22.14 -28.59 3.27
N ILE A 316 -22.66 -27.59 3.99
CA ILE A 316 -22.30 -27.33 5.40
C ILE A 316 -22.67 -28.56 6.31
N ILE A 317 -23.89 -29.11 6.13
CA ILE A 317 -24.34 -30.28 6.90
C ILE A 317 -23.42 -31.47 6.63
N SER A 318 -23.02 -31.67 5.37
CA SER A 318 -22.15 -32.76 4.95
C SER A 318 -20.74 -32.68 5.55
N MET A 319 -20.20 -31.46 5.74
CA MET A 319 -18.90 -31.18 6.32
C MET A 319 -18.89 -31.51 7.82
N LEU A 320 -19.97 -31.12 8.55
CA LEU A 320 -20.18 -31.31 9.98
C LEU A 320 -20.45 -32.77 10.29
N ARG A 321 -21.07 -33.48 9.32
CA ARG A 321 -21.34 -34.89 9.45
C ARG A 321 -19.99 -35.65 9.33
N MET A 322 -19.08 -35.14 8.47
CA MET A 322 -17.74 -35.69 8.27
C MET A 322 -16.89 -35.46 9.52
N VAL A 323 -17.07 -34.30 10.19
CA VAL A 323 -16.37 -33.95 11.45
C VAL A 323 -16.75 -34.99 12.52
N SER A 324 -18.07 -35.19 12.73
CA SER A 324 -18.67 -36.17 13.64
C SER A 324 -18.22 -37.60 13.29
N ALA A 325 -17.99 -37.88 11.98
CA ALA A 325 -17.53 -39.17 11.46
C ALA A 325 -16.10 -39.40 11.86
N VAL A 326 -15.20 -38.39 11.68
CA VAL A 326 -13.77 -38.45 12.13
C VAL A 326 -13.76 -38.78 13.64
N LEU A 327 -14.63 -38.12 14.45
CA LEU A 327 -14.75 -38.41 15.88
C LEU A 327 -15.25 -39.84 16.20
N GLN A 328 -16.33 -40.29 15.54
CA GLN A 328 -16.95 -41.61 15.76
C GLN A 328 -16.01 -42.80 15.54
N PHE A 329 -15.03 -42.66 14.62
CA PHE A 329 -14.02 -43.69 14.39
C PHE A 329 -13.32 -44.09 15.72
N GLY A 330 -13.10 -43.12 16.59
CA GLY A 330 -12.49 -43.31 17.88
C GLY A 330 -13.35 -43.91 18.97
N ASN A 331 -14.68 -44.10 18.73
CA ASN A 331 -15.53 -44.69 19.78
C ASN A 331 -15.74 -46.19 19.62
N ILE A 332 -15.16 -46.75 18.56
CA ILE A 332 -15.23 -48.17 18.25
C ILE A 332 -14.27 -48.91 19.20
N ALA A 333 -14.81 -49.67 20.17
CA ALA A 333 -13.99 -50.44 21.11
C ALA A 333 -13.75 -51.83 20.57
N LEU A 334 -12.50 -52.02 20.13
CA LEU A 334 -12.02 -53.28 19.62
C LEU A 334 -11.39 -54.01 20.77
N LYS A 335 -11.52 -55.34 20.75
CA LYS A 335 -10.93 -56.23 21.74
C LYS A 335 -10.21 -57.34 20.99
N ARG A 336 -9.60 -58.28 21.69
CA ARG A 336 -9.00 -59.41 21.00
C ARG A 336 -9.91 -60.61 21.26
N GLU A 337 -9.65 -61.75 20.66
CA GLU A 337 -10.38 -62.96 20.94
C GLU A 337 -9.83 -63.58 22.25
N ARG A 338 -10.55 -64.49 22.87
CA ARG A 338 -10.18 -65.08 24.16
C ARG A 338 -8.91 -65.91 24.02
N ASN A 339 -8.76 -66.60 22.88
CA ASN A 339 -7.65 -67.52 22.62
C ASN A 339 -6.79 -67.17 21.44
N THR A 340 -7.05 -66.00 20.80
CA THR A 340 -6.30 -65.51 19.62
C THR A 340 -6.10 -63.97 19.65
N ASP A 341 -5.03 -63.44 19.02
CA ASP A 341 -4.84 -61.98 18.95
C ASP A 341 -5.75 -61.28 17.89
N GLN A 342 -6.71 -62.00 17.27
CA GLN A 342 -7.64 -61.42 16.29
C GLN A 342 -8.41 -60.28 16.95
N ALA A 343 -8.54 -59.15 16.24
CA ALA A 343 -9.34 -58.02 16.71
C ALA A 343 -10.85 -58.42 16.58
N THR A 344 -11.64 -58.15 17.60
CA THR A 344 -13.06 -58.41 17.59
C THR A 344 -13.74 -57.07 17.85
N MET A 345 -15.06 -57.00 17.67
CA MET A 345 -15.82 -55.80 17.94
C MET A 345 -17.03 -56.22 18.81
N PRO A 346 -16.83 -56.45 20.14
CA PRO A 346 -17.96 -56.89 20.99
C PRO A 346 -19.16 -55.94 20.98
N ASP A 347 -18.91 -54.63 20.89
CA ASP A 347 -20.02 -53.69 20.78
C ASP A 347 -19.97 -52.99 19.40
N ASN A 348 -21.07 -53.02 18.63
CA ASN A 348 -21.08 -52.48 17.27
C ASN A 348 -21.91 -51.18 17.09
N THR A 349 -22.35 -50.56 18.20
CA THR A 349 -23.14 -49.33 18.21
C THR A 349 -22.38 -48.16 17.55
N ALA A 350 -21.08 -47.99 17.86
CA ALA A 350 -20.25 -46.92 17.29
C ALA A 350 -19.97 -47.15 15.82
N ALA A 351 -19.89 -48.41 15.38
CA ALA A 351 -19.68 -48.70 13.95
C ALA A 351 -20.99 -48.57 13.18
N GLN A 352 -22.14 -48.65 13.88
CA GLN A 352 -23.46 -48.49 13.28
C GLN A 352 -23.57 -47.02 12.94
N LYS A 353 -23.29 -46.14 13.93
CA LYS A 353 -23.23 -44.68 13.82
C LYS A 353 -22.22 -44.23 12.75
N LEU A 354 -21.00 -44.75 12.80
CA LEU A 354 -19.97 -44.40 11.83
C LEU A 354 -20.36 -44.68 10.38
N CYS A 355 -21.01 -45.81 10.12
CA CYS A 355 -21.43 -46.25 8.79
C CYS A 355 -22.58 -45.45 8.23
N ARG A 356 -23.50 -45.02 9.11
CA ARG A 356 -24.61 -44.12 8.78
C ARG A 356 -24.01 -42.74 8.33
N LEU A 357 -23.06 -42.17 9.11
CA LEU A 357 -22.40 -40.88 8.77
C LEU A 357 -21.53 -40.98 7.49
N LEU A 358 -20.97 -42.18 7.18
CA LEU A 358 -20.07 -42.34 6.04
C LEU A 358 -20.71 -43.02 4.83
N GLY A 359 -21.99 -43.33 4.91
CA GLY A 359 -22.75 -43.96 3.83
C GLY A 359 -22.21 -45.29 3.35
N LEU A 360 -21.98 -46.21 4.31
CA LEU A 360 -21.45 -47.56 4.07
C LEU A 360 -22.32 -48.63 4.68
N GLY A 361 -21.96 -49.88 4.40
CA GLY A 361 -22.56 -51.06 4.99
C GLY A 361 -21.77 -51.49 6.20
N VAL A 362 -22.45 -51.61 7.35
CA VAL A 362 -21.90 -52.07 8.63
C VAL A 362 -21.04 -53.36 8.48
N THR A 363 -21.57 -54.40 7.78
CA THR A 363 -20.89 -55.70 7.57
C THR A 363 -19.68 -55.51 6.71
N ASP A 364 -19.84 -54.88 5.52
CA ASP A 364 -18.73 -54.58 4.62
C ASP A 364 -17.60 -53.89 5.38
N PHE A 365 -17.94 -52.85 6.16
CA PHE A 365 -16.98 -52.12 6.98
C PHE A 365 -16.25 -53.05 7.93
N SER A 366 -17.03 -53.76 8.75
CA SER A 366 -16.53 -54.67 9.77
C SER A 366 -15.59 -55.73 9.17
N ARG A 367 -15.99 -56.41 8.10
CA ARG A 367 -15.15 -57.42 7.45
C ARG A 367 -13.86 -56.78 6.85
N ALA A 368 -14.00 -55.59 6.24
CA ALA A 368 -12.88 -54.86 5.64
C ALA A 368 -11.90 -54.39 6.69
N LEU A 369 -12.37 -53.89 7.86
CA LEU A 369 -11.56 -53.42 8.99
C LEU A 369 -10.93 -54.58 9.78
N LEU A 370 -11.75 -55.57 10.15
CA LEU A 370 -11.26 -56.67 11.00
C LEU A 370 -10.54 -57.78 10.25
N THR A 371 -10.94 -58.08 9.00
CA THR A 371 -10.36 -59.16 8.16
C THR A 371 -10.18 -58.66 6.71
N PRO A 372 -9.32 -57.64 6.48
CA PRO A 372 -9.17 -57.10 5.10
C PRO A 372 -8.62 -58.10 4.09
N ARG A 373 -9.24 -58.10 2.92
CA ARG A 373 -8.88 -58.94 1.80
C ARG A 373 -7.68 -58.29 1.11
N ILE A 374 -6.63 -59.09 0.85
CA ILE A 374 -5.39 -58.64 0.19
C ILE A 374 -5.22 -59.32 -1.18
N LYS A 375 -4.71 -58.58 -2.17
CA LYS A 375 -4.49 -59.09 -3.53
C LYS A 375 -3.05 -59.54 -3.74
N VAL A 376 -2.88 -60.79 -4.24
CA VAL A 376 -1.59 -61.43 -4.54
C VAL A 376 -1.80 -62.63 -5.52
N GLY A 377 -1.03 -62.62 -6.62
CA GLY A 377 -1.02 -63.67 -7.64
C GLY A 377 -2.35 -64.12 -8.20
N ARG A 378 -3.12 -63.16 -8.78
CA ARG A 378 -4.43 -63.35 -9.42
C ARG A 378 -5.52 -63.97 -8.48
N ASP A 379 -5.42 -63.70 -7.17
CA ASP A 379 -6.39 -64.16 -6.18
C ASP A 379 -6.48 -63.19 -5.00
N TYR A 380 -7.51 -63.36 -4.15
CA TYR A 380 -7.75 -62.53 -2.98
C TYR A 380 -7.66 -63.37 -1.69
N VAL A 381 -6.80 -62.94 -0.74
CA VAL A 381 -6.58 -63.65 0.54
C VAL A 381 -7.11 -62.85 1.74
N GLN A 382 -8.06 -63.44 2.50
CA GLN A 382 -8.64 -62.84 3.70
C GLN A 382 -7.64 -62.98 4.87
N LYS A 383 -7.15 -61.85 5.39
CA LYS A 383 -6.17 -61.84 6.48
C LYS A 383 -6.75 -61.31 7.79
N ALA A 384 -6.36 -61.95 8.89
CA ALA A 384 -6.74 -61.57 10.26
C ALA A 384 -5.91 -60.34 10.69
N GLN A 385 -6.50 -59.44 11.48
CA GLN A 385 -5.82 -58.25 11.99
C GLN A 385 -5.80 -58.33 13.51
N THR A 386 -4.72 -57.87 14.16
CA THR A 386 -4.70 -57.85 15.63
C THR A 386 -5.43 -56.59 16.07
N LYS A 387 -5.74 -56.49 17.36
CA LYS A 387 -6.37 -55.32 17.97
C LYS A 387 -5.53 -54.06 17.65
N GLU A 388 -4.16 -54.16 17.76
CA GLU A 388 -3.27 -53.03 17.47
C GLU A 388 -3.32 -52.63 16.01
N GLN A 389 -3.11 -53.60 15.07
CA GLN A 389 -3.17 -53.40 13.62
C GLN A 389 -4.47 -52.70 13.28
N ALA A 390 -5.63 -53.28 13.70
CA ALA A 390 -6.97 -52.74 13.45
C ALA A 390 -7.18 -51.36 14.10
N ASP A 391 -6.69 -51.13 15.35
CA ASP A 391 -6.81 -49.81 16.00
C ASP A 391 -5.99 -48.75 15.24
N PHE A 392 -4.83 -49.13 14.67
CA PHE A 392 -4.00 -48.21 13.93
C PHE A 392 -4.74 -47.78 12.66
N ALA A 393 -5.38 -48.76 11.97
CA ALA A 393 -6.19 -48.58 10.76
C ALA A 393 -7.32 -47.58 11.01
N LEU A 394 -7.96 -47.69 12.15
CA LEU A 394 -9.03 -46.79 12.54
C LEU A 394 -8.51 -45.35 12.57
N GLU A 395 -7.41 -45.15 13.27
CA GLU A 395 -6.77 -43.88 13.42
C GLU A 395 -6.24 -43.37 12.11
N ALA A 396 -5.70 -44.26 11.22
CA ALA A 396 -5.21 -43.86 9.91
C ALA A 396 -6.39 -43.38 9.08
N LEU A 397 -7.55 -44.09 9.17
CA LEU A 397 -8.75 -43.75 8.40
C LEU A 397 -9.37 -42.45 8.85
N ALA A 398 -9.41 -42.21 10.17
CA ALA A 398 -10.00 -40.99 10.69
C ALA A 398 -9.14 -39.74 10.34
N LYS A 399 -7.79 -39.90 10.32
CA LYS A 399 -6.84 -38.84 9.96
C LYS A 399 -6.89 -38.56 8.49
N ALA A 400 -6.95 -39.62 7.64
CA ALA A 400 -7.03 -39.54 6.18
C ALA A 400 -8.32 -38.89 5.75
N THR A 401 -9.42 -39.05 6.51
CA THR A 401 -10.75 -38.48 6.26
C THR A 401 -10.78 -37.00 6.65
N TYR A 402 -10.14 -36.64 7.78
CA TYR A 402 -10.10 -35.23 8.16
C TYR A 402 -9.29 -34.41 7.15
N GLU A 403 -8.13 -34.92 6.79
CA GLU A 403 -7.19 -34.40 5.80
C GLU A 403 -7.89 -34.17 4.44
N ARG A 404 -8.59 -35.18 3.93
CA ARG A 404 -9.37 -35.12 2.68
C ARG A 404 -10.52 -34.11 2.78
N LEU A 405 -11.16 -33.99 3.96
CA LEU A 405 -12.17 -32.95 4.18
C LEU A 405 -11.51 -31.57 4.04
N PHE A 406 -10.34 -31.38 4.64
CA PHE A 406 -9.62 -30.11 4.55
C PHE A 406 -9.21 -29.79 3.11
N ARG A 407 -8.75 -30.79 2.39
CA ARG A 407 -8.33 -30.66 1.02
C ARG A 407 -9.48 -30.23 0.14
N TRP A 408 -10.66 -30.77 0.38
CA TRP A 408 -11.91 -30.44 -0.30
C TRP A 408 -12.34 -29.03 0.05
N LEU A 409 -12.19 -28.65 1.33
CA LEU A 409 -12.50 -27.30 1.83
C LEU A 409 -11.72 -26.24 1.09
N VAL A 410 -10.43 -26.49 0.83
CA VAL A 410 -9.52 -25.59 0.11
C VAL A 410 -9.91 -25.49 -1.38
N LEU A 411 -10.25 -26.65 -2.00
CA LEU A 411 -10.65 -26.77 -3.39
C LEU A 411 -11.91 -25.95 -3.66
N ARG A 412 -12.87 -26.00 -2.73
CA ARG A 412 -14.13 -25.26 -2.74
C ARG A 412 -13.96 -23.77 -2.57
N LEU A 413 -13.09 -23.33 -1.62
CA LEU A 413 -12.79 -21.93 -1.39
C LEU A 413 -12.15 -21.40 -2.68
N ASN A 414 -11.23 -22.18 -3.29
CA ASN A 414 -10.65 -21.81 -4.58
C ASN A 414 -11.71 -21.74 -5.68
N ARG A 415 -12.75 -22.56 -5.63
CA ARG A 415 -13.83 -22.45 -6.58
C ARG A 415 -14.63 -21.15 -6.44
N ALA A 416 -14.93 -20.76 -5.22
CA ALA A 416 -15.57 -19.48 -4.96
C ALA A 416 -14.63 -18.28 -5.25
N LEU A 417 -13.48 -18.30 -4.56
CA LEU A 417 -12.43 -17.29 -4.63
C LEU A 417 -11.67 -17.16 -5.94
N ASP A 418 -11.36 -18.30 -6.56
CA ASP A 418 -10.62 -18.26 -7.80
C ASP A 418 -11.57 -18.00 -8.95
N ARG A 419 -11.32 -16.90 -9.63
CA ARG A 419 -12.16 -16.49 -10.72
C ARG A 419 -11.45 -15.58 -11.67
N SER A 420 -12.02 -15.45 -12.86
CA SER A 420 -11.51 -14.55 -13.88
C SER A 420 -10.06 -14.66 -14.26
N PRO A 421 -9.63 -15.72 -14.92
CA PRO A 421 -8.20 -15.79 -15.23
C PRO A 421 -7.73 -14.89 -16.38
N ARG A 422 -7.69 -13.62 -16.03
CA ARG A 422 -7.21 -12.54 -16.84
C ARG A 422 -6.42 -11.72 -15.84
N GLN A 423 -5.76 -12.45 -14.94
CA GLN A 423 -4.93 -11.88 -13.93
C GLN A 423 -3.93 -11.19 -14.72
N GLY A 424 -3.77 -9.89 -14.51
CA GLY A 424 -2.89 -9.13 -15.39
C GLY A 424 -1.39 -9.20 -15.17
N ALA A 425 -0.83 -10.36 -15.51
CA ALA A 425 0.60 -10.60 -15.44
C ALA A 425 1.12 -10.26 -14.06
N SER A 426 0.35 -10.60 -13.03
CA SER A 426 0.78 -10.28 -11.70
C SER A 426 -0.05 -10.97 -10.64
N PHE A 427 0.51 -10.94 -9.43
CA PHE A 427 -0.06 -11.47 -8.24
C PHE A 427 0.75 -11.04 -7.07
N LEU A 428 0.11 -11.07 -5.93
CA LEU A 428 0.70 -10.74 -4.65
C LEU A 428 0.55 -11.99 -3.74
N GLY A 429 1.66 -12.70 -3.56
CA GLY A 429 1.74 -13.86 -2.70
C GLY A 429 1.97 -13.49 -1.26
N ILE A 430 1.19 -14.08 -0.33
CA ILE A 430 1.31 -13.87 1.12
C ILE A 430 1.60 -15.22 1.79
N LEU A 431 2.86 -15.44 2.23
CA LEU A 431 3.22 -16.69 2.89
C LEU A 431 2.92 -16.70 4.39
N ASP A 432 2.15 -17.70 4.82
CA ASP A 432 1.80 -17.87 6.23
C ASP A 432 2.04 -19.31 6.71
N ILE A 433 3.31 -19.69 6.82
CA ILE A 433 3.71 -21.03 7.28
C ILE A 433 3.63 -21.26 8.80
N ALA A 434 3.56 -22.52 9.21
CA ALA A 434 3.50 -22.86 10.64
C ALA A 434 4.92 -22.58 11.17
N GLY A 435 4.99 -21.79 12.23
CA GLY A 435 6.23 -21.34 12.83
C GLY A 435 7.09 -22.33 13.58
N PHE A 436 8.35 -21.96 13.79
CA PHE A 436 9.30 -22.82 14.49
C PHE A 436 8.74 -23.11 15.87
N GLU A 437 8.84 -24.37 16.27
CA GLU A 437 8.28 -24.83 17.55
C GLU A 437 9.07 -25.96 18.22
N ILE A 438 9.14 -25.87 19.56
CA ILE A 438 9.79 -26.78 20.49
C ILE A 438 8.83 -27.14 21.63
N PHE A 439 8.39 -28.40 21.69
CA PHE A 439 7.52 -28.91 22.75
C PHE A 439 8.30 -29.89 23.63
N GLN A 440 7.61 -30.51 24.63
CA GLN A 440 8.17 -31.55 25.49
C GLN A 440 8.54 -32.73 24.58
N LEU A 441 7.64 -33.08 23.63
CA LEU A 441 7.85 -34.13 22.63
C LEU A 441 7.79 -33.57 21.21
N ASN A 442 8.89 -33.71 20.48
CA ASN A 442 8.93 -33.23 19.12
C ASN A 442 8.97 -34.43 18.24
N SER A 443 7.98 -34.56 17.40
CA SER A 443 7.87 -35.66 16.50
C SER A 443 8.16 -35.25 15.07
N PHE A 444 7.66 -36.03 14.15
CA PHE A 444 7.84 -35.85 12.74
C PHE A 444 7.20 -34.56 12.24
N GLU A 445 6.10 -34.19 12.82
CA GLU A 445 5.42 -32.99 12.49
C GLU A 445 6.30 -31.79 12.79
N GLN A 446 6.95 -31.81 13.93
CA GLN A 446 7.85 -30.75 14.36
C GLN A 446 9.07 -30.66 13.50
N LEU A 447 9.59 -31.79 13.11
CA LEU A 447 10.75 -31.86 12.21
C LEU A 447 10.44 -31.19 10.84
N CYS A 448 9.24 -31.44 10.34
CA CYS A 448 8.73 -30.91 9.10
C CYS A 448 8.49 -29.40 9.17
N ILE A 449 7.95 -28.89 10.29
CA ILE A 449 7.70 -27.45 10.49
C ILE A 449 9.05 -26.70 10.64
N ASN A 450 9.91 -27.20 11.53
CA ASN A 450 11.20 -26.62 11.81
C ASN A 450 12.10 -26.57 10.56
N TYR A 451 12.04 -27.61 9.69
CA TYR A 451 12.74 -27.67 8.41
C TYR A 451 12.27 -26.51 7.49
N THR A 452 10.95 -26.28 7.38
CA THR A 452 10.34 -25.20 6.60
C THR A 452 10.73 -23.83 7.16
N ASN A 453 10.90 -23.70 8.50
CA ASN A 453 11.29 -22.41 9.07
C ASN A 453 12.75 -22.18 8.73
N GLU A 454 13.58 -23.24 8.79
CA GLU A 454 14.99 -23.18 8.42
C GLU A 454 15.12 -22.63 6.98
N LYS A 455 14.37 -23.22 6.04
CA LYS A 455 14.33 -22.86 4.61
C LYS A 455 13.91 -21.42 4.33
N LEU A 456 12.95 -20.89 5.10
CA LEU A 456 12.49 -19.52 4.93
C LEU A 456 13.56 -18.57 5.44
N GLN A 457 14.20 -18.89 6.59
CA GLN A 457 15.29 -18.07 7.13
C GLN A 457 16.42 -17.99 6.14
N GLN A 458 16.71 -19.13 5.46
CA GLN A 458 17.77 -19.21 4.47
C GLN A 458 17.36 -18.39 3.22
N LEU A 459 16.04 -18.31 2.92
CA LEU A 459 15.53 -17.49 1.83
C LEU A 459 15.76 -16.04 2.18
N PHE A 460 15.69 -15.68 3.46
CA PHE A 460 16.00 -14.30 3.85
C PHE A 460 17.53 -14.06 3.64
N ASN A 461 18.38 -15.01 4.11
CA ASN A 461 19.83 -14.94 3.98
C ASN A 461 20.26 -14.79 2.55
N HIS A 462 19.70 -15.62 1.66
CA HIS A 462 19.97 -15.61 0.23
C HIS A 462 19.53 -14.28 -0.44
N THR A 463 18.36 -13.76 -0.07
CA THR A 463 17.84 -12.49 -0.61
C THR A 463 18.59 -11.25 -0.11
N MET A 464 18.95 -11.21 1.16
CA MET A 464 19.63 -10.07 1.78
C MET A 464 21.13 -10.02 1.58
N PHE A 465 21.79 -11.18 1.56
CA PHE A 465 23.25 -11.18 1.50
C PHE A 465 23.87 -11.80 0.24
N VAL A 466 23.24 -12.84 -0.37
CA VAL A 466 23.81 -13.49 -1.55
C VAL A 466 23.39 -12.72 -2.82
N LEU A 467 22.07 -12.66 -3.08
CA LEU A 467 21.49 -11.91 -4.21
C LEU A 467 21.95 -10.44 -4.24
N GLU A 468 22.01 -9.75 -3.06
CA GLU A 468 22.45 -8.36 -2.99
C GLU A 468 23.89 -8.19 -3.57
N GLN A 469 24.84 -8.95 -3.02
CA GLN A 469 26.23 -8.92 -3.40
C GLN A 469 26.49 -9.47 -4.80
N GLU A 470 25.74 -10.51 -5.24
CA GLU A 470 25.89 -11.06 -6.62
C GLU A 470 25.50 -10.04 -7.67
N GLU A 471 24.55 -9.15 -7.33
CA GLU A 471 24.05 -8.12 -8.22
C GLU A 471 25.12 -7.04 -8.42
N TYR A 472 25.91 -6.76 -7.35
CA TYR A 472 27.00 -5.81 -7.40
C TYR A 472 28.14 -6.34 -8.31
N GLN A 473 28.47 -7.66 -8.17
CA GLN A 473 29.48 -8.33 -9.00
C GLN A 473 29.06 -8.30 -10.47
N ARG A 474 27.78 -8.59 -10.73
CA ARG A 474 27.14 -8.59 -12.05
C ARG A 474 27.09 -7.21 -12.70
N GLU A 475 27.28 -6.13 -11.92
CA GLU A 475 27.24 -4.79 -12.50
C GLU A 475 28.62 -4.10 -12.51
N GLY A 476 29.67 -4.86 -12.19
CA GLY A 476 31.06 -4.45 -12.17
C GLY A 476 31.47 -3.41 -11.15
N ILE A 477 30.63 -3.22 -10.13
CA ILE A 477 30.81 -2.26 -9.04
C ILE A 477 32.01 -2.62 -8.13
N PRO A 478 32.83 -1.63 -7.70
CA PRO A 478 33.90 -1.95 -6.75
C PRO A 478 33.28 -2.41 -5.42
N TRP A 479 33.37 -3.72 -5.18
CA TRP A 479 32.81 -4.33 -3.99
C TRP A 479 33.60 -5.55 -3.57
N THR A 480 33.91 -5.65 -2.28
CA THR A 480 34.56 -6.81 -1.69
C THR A 480 33.49 -7.56 -0.89
N PHE A 481 33.31 -8.88 -1.18
CA PHE A 481 32.32 -9.73 -0.52
C PHE A 481 32.43 -9.73 0.98
N LEU A 482 31.29 -9.49 1.63
CA LEU A 482 31.10 -9.46 3.08
C LEU A 482 30.43 -10.76 3.49
N ASP A 483 30.97 -11.42 4.53
CA ASP A 483 30.45 -12.66 5.10
C ASP A 483 29.86 -12.32 6.46
N PHE A 484 28.55 -12.53 6.59
CA PHE A 484 27.80 -12.24 7.80
C PHE A 484 27.55 -13.49 8.64
N GLY A 485 28.09 -14.60 8.18
CA GLY A 485 27.98 -15.82 8.88
C GLY A 485 26.57 -16.36 9.00
N LEU A 486 25.74 -16.02 8.04
CA LEU A 486 24.38 -16.51 8.01
C LEU A 486 24.19 -17.42 6.83
N ASP A 487 24.39 -18.69 7.05
CA ASP A 487 24.23 -19.70 6.04
C ASP A 487 23.78 -20.99 6.69
N LEU A 488 22.61 -21.47 6.30
CA LEU A 488 21.97 -22.66 6.87
C LEU A 488 22.12 -23.95 6.07
N GLN A 489 23.11 -24.00 5.18
CA GLN A 489 23.31 -25.18 4.34
C GLN A 489 23.60 -26.47 5.11
N PRO A 490 24.39 -26.40 6.19
CA PRO A 490 24.69 -27.63 6.94
C PRO A 490 23.44 -28.31 7.52
N CYS A 491 22.52 -27.53 8.07
CA CYS A 491 21.28 -28.08 8.64
C CYS A 491 20.30 -28.51 7.57
N ILE A 492 20.07 -27.64 6.55
CA ILE A 492 19.14 -27.86 5.47
C ILE A 492 19.52 -29.12 4.70
N ASP A 493 20.80 -29.27 4.47
CA ASP A 493 21.40 -30.41 3.82
C ASP A 493 21.28 -31.70 4.63
N LEU A 494 21.50 -31.64 5.93
CA LEU A 494 21.42 -32.79 6.79
C LEU A 494 20.00 -33.35 6.71
N ILE A 495 19.04 -32.46 6.73
CA ILE A 495 17.66 -32.83 6.59
C ILE A 495 17.13 -33.26 5.23
N GLU A 496 17.45 -32.52 4.19
CA GLU A 496 16.89 -32.76 2.89
C GLU A 496 17.72 -33.41 1.80
N ARG A 497 18.99 -33.64 2.01
CA ARG A 497 19.77 -34.18 0.93
C ARG A 497 19.31 -35.56 0.58
N PRO A 498 18.95 -35.73 -0.68
CA PRO A 498 18.44 -36.98 -1.22
C PRO A 498 19.42 -38.12 -1.33
N ALA A 499 20.66 -37.84 -1.73
CA ALA A 499 21.66 -38.89 -1.95
C ALA A 499 23.06 -38.53 -1.57
N ASN A 500 24.01 -39.28 -2.13
CA ASN A 500 25.45 -39.28 -1.79
C ASN A 500 25.17 -39.52 -0.33
N PRO A 501 25.80 -38.80 0.59
CA PRO A 501 25.30 -39.04 1.95
C PRO A 501 23.83 -38.65 2.04
N PRO A 502 22.92 -39.60 2.23
CA PRO A 502 21.53 -39.18 2.30
C PRO A 502 21.20 -38.55 3.62
N GLY A 503 20.28 -37.60 3.62
CA GLY A 503 19.82 -36.87 4.79
C GLY A 503 18.80 -37.61 5.63
N LEU A 504 18.35 -37.01 6.71
CA LEU A 504 17.40 -37.61 7.64
C LEU A 504 16.11 -38.10 6.95
N LEU A 505 15.51 -37.26 6.07
CA LEU A 505 14.28 -37.57 5.36
C LEU A 505 14.49 -38.70 4.40
N ALA A 506 15.64 -38.75 3.71
CA ALA A 506 15.97 -39.83 2.80
C ALA A 506 16.29 -41.12 3.58
N LEU A 507 16.96 -41.01 4.75
CA LEU A 507 17.26 -42.16 5.62
C LEU A 507 15.97 -42.75 6.18
N LEU A 508 15.01 -41.90 6.46
CA LEU A 508 13.71 -42.34 6.87
C LEU A 508 13.05 -43.06 5.72
N ASP A 509 13.14 -42.57 4.49
CA ASP A 509 12.48 -43.23 3.38
C ASP A 509 13.02 -44.64 3.13
N GLU A 510 14.32 -44.81 3.12
CA GLU A 510 14.89 -46.11 2.91
C GLU A 510 14.55 -47.09 4.00
N GLU A 511 14.56 -46.65 5.24
CA GLU A 511 14.34 -47.50 6.37
C GLU A 511 12.97 -48.12 6.38
N CYS A 512 12.00 -47.33 6.08
CA CYS A 512 10.61 -47.78 6.10
C CYS A 512 10.31 -48.86 5.08
N TRP A 513 10.87 -48.71 3.89
CA TRP A 513 10.66 -49.67 2.79
C TRP A 513 11.50 -50.95 2.95
N PHE A 514 11.97 -51.16 4.17
CA PHE A 514 12.75 -52.32 4.54
C PHE A 514 11.81 -53.26 5.28
N PRO A 515 11.82 -54.56 4.96
CA PRO A 515 10.88 -55.53 5.54
C PRO A 515 10.93 -55.69 7.06
N LYS A 516 12.12 -55.71 7.66
CA LYS A 516 12.24 -55.85 9.11
C LYS A 516 12.50 -54.55 9.88
N ALA A 517 12.42 -53.40 9.19
CA ALA A 517 12.69 -52.10 9.82
C ALA A 517 11.72 -51.69 10.93
N THR A 518 12.27 -51.05 11.97
CA THR A 518 11.51 -50.56 13.13
C THR A 518 11.98 -49.15 13.51
N ASP A 519 11.13 -48.38 14.19
CA ASP A 519 11.51 -47.02 14.57
C ASP A 519 12.89 -47.01 15.22
N LYS A 520 13.22 -48.05 16.04
CA LYS A 520 14.49 -48.24 16.77
C LYS A 520 15.70 -48.40 15.82
N SER A 521 15.53 -49.22 14.75
CA SER A 521 16.55 -49.48 13.73
C SER A 521 16.84 -48.22 12.89
N PHE A 522 15.82 -47.33 12.76
CA PHE A 522 15.97 -46.07 12.03
C PHE A 522 16.86 -45.17 12.89
N VAL A 523 16.54 -45.07 14.20
CA VAL A 523 17.29 -44.29 15.20
C VAL A 523 18.76 -44.74 15.22
N GLU A 524 19.01 -46.07 15.13
CA GLU A 524 20.33 -46.70 15.06
C GLU A 524 21.05 -46.31 13.79
N LYS A 525 20.36 -46.38 12.65
CA LYS A 525 20.89 -46.05 11.31
C LYS A 525 21.31 -44.57 11.24
N VAL A 526 20.45 -43.68 11.76
CA VAL A 526 20.61 -42.24 11.73
C VAL A 526 21.70 -41.77 12.72
N ALA A 527 21.91 -42.50 13.84
CA ALA A 527 22.97 -42.16 14.78
C ALA A 527 24.33 -42.61 14.24
N GLN A 528 24.32 -43.70 13.45
CA GLN A 528 25.51 -44.27 12.82
C GLN A 528 25.94 -43.40 11.64
N GLU A 529 25.01 -43.13 10.71
CA GLU A 529 25.29 -42.37 9.50
C GLU A 529 25.52 -40.85 9.68
N GLN A 530 24.74 -40.22 10.55
CA GLN A 530 24.73 -38.77 10.76
C GLN A 530 25.36 -38.28 12.05
N GLY A 531 25.82 -39.22 12.88
CA GLY A 531 26.42 -38.89 14.17
C GLY A 531 27.52 -37.85 14.14
N GLY A 532 28.30 -37.86 13.06
CA GLY A 532 29.43 -36.96 12.86
C GLY A 532 29.11 -35.61 12.22
N HIS A 533 27.83 -35.36 11.81
CA HIS A 533 27.44 -34.08 11.21
C HIS A 533 27.42 -32.95 12.27
N PRO A 534 27.95 -31.73 12.02
CA PRO A 534 27.97 -30.69 13.06
C PRO A 534 26.60 -30.18 13.54
N LYS A 535 25.54 -30.44 12.76
CA LYS A 535 24.19 -30.00 13.12
C LYS A 535 23.34 -31.15 13.68
N PHE A 536 23.86 -32.40 13.66
CA PHE A 536 23.20 -33.57 14.25
C PHE A 536 23.89 -33.94 15.55
N GLN A 537 23.13 -34.36 16.56
CA GLN A 537 23.69 -34.76 17.85
C GLN A 537 23.06 -36.08 18.32
N ARG A 538 23.90 -37.06 18.69
CA ARG A 538 23.46 -38.32 19.25
C ARG A 538 23.00 -38.05 20.70
N PRO A 539 22.04 -38.84 21.24
CA PRO A 539 21.62 -38.62 22.64
C PRO A 539 22.71 -39.01 23.61
N ARG A 540 22.91 -38.19 24.66
CA ARG A 540 23.92 -38.49 25.66
C ARG A 540 23.31 -39.37 26.76
N HIS A 541 24.06 -40.41 27.14
CA HIS A 541 23.71 -41.34 28.19
C HIS A 541 23.40 -40.58 29.51
N LEU A 542 22.32 -41.01 30.22
CA LEU A 542 21.82 -40.45 31.50
C LEU A 542 21.17 -39.07 31.35
N ARG A 543 20.95 -38.61 30.12
CA ARG A 543 20.45 -37.25 29.90
C ARG A 543 19.24 -37.11 28.97
N ASP A 544 19.46 -37.39 27.69
CA ASP A 544 18.46 -37.17 26.65
C ASP A 544 17.62 -38.41 26.45
N GLN A 545 16.35 -38.25 26.77
CA GLN A 545 15.33 -39.24 26.61
C GLN A 545 14.97 -39.35 25.16
N ALA A 546 15.37 -38.35 24.38
CA ALA A 546 15.12 -38.28 22.94
C ALA A 546 16.08 -39.13 22.09
N ASP A 547 15.64 -39.47 20.88
CA ASP A 547 16.46 -40.26 19.94
C ASP A 547 17.65 -39.49 19.38
N PHE A 548 17.41 -38.25 18.95
CA PHE A 548 18.45 -37.40 18.36
C PHE A 548 18.13 -35.90 18.44
N SER A 549 19.15 -35.06 18.21
CA SER A 549 19.00 -33.61 18.25
C SER A 549 19.47 -32.92 16.97
N VAL A 550 18.77 -31.87 16.56
CA VAL A 550 19.08 -31.12 15.36
C VAL A 550 19.30 -29.70 15.80
N LEU A 551 20.44 -29.10 15.36
CA LEU A 551 20.79 -27.73 15.69
C LEU A 551 20.21 -26.83 14.64
N HIS A 552 18.95 -26.48 14.87
CA HIS A 552 18.21 -25.58 14.01
C HIS A 552 18.74 -24.18 14.23
N TYR A 553 18.48 -23.29 13.28
CA TYR A 553 18.96 -21.92 13.40
C TYR A 553 18.37 -21.27 14.64
N ALA A 554 17.11 -21.58 14.93
CA ALA A 554 16.43 -21.01 16.09
C ALA A 554 16.62 -21.80 17.42
N GLY A 555 17.46 -22.84 17.40
CA GLY A 555 17.73 -23.66 18.59
C GLY A 555 17.84 -25.16 18.43
N LYS A 556 18.39 -25.85 19.46
CA LYS A 556 18.53 -27.29 19.46
C LYS A 556 17.17 -27.88 19.76
N VAL A 557 16.76 -28.84 18.94
CA VAL A 557 15.47 -29.49 19.12
C VAL A 557 15.71 -30.98 19.18
N ASP A 558 15.20 -31.59 20.23
CA ASP A 558 15.24 -33.01 20.55
C ASP A 558 14.05 -33.71 19.91
N TYR A 559 14.32 -34.78 19.14
CA TYR A 559 13.30 -35.53 18.41
C TYR A 559 13.11 -36.94 18.91
N LYS A 560 11.83 -37.34 19.17
CA LYS A 560 11.43 -38.70 19.57
C LYS A 560 10.86 -39.31 18.25
N ALA A 561 11.51 -40.38 17.72
CA ALA A 561 11.08 -41.00 16.47
C ALA A 561 9.94 -42.05 16.64
N ASN A 562 8.99 -41.80 17.54
CA ASN A 562 7.92 -42.76 17.78
C ASN A 562 6.90 -42.67 16.68
N GLU A 563 6.74 -43.78 15.92
CA GLU A 563 5.81 -43.97 14.80
C GLU A 563 6.18 -43.16 13.54
N TRP A 564 7.49 -42.88 13.34
CA TRP A 564 7.97 -42.16 12.17
C TRP A 564 7.93 -42.95 10.91
N LEU A 565 8.18 -44.28 10.97
CA LEU A 565 8.12 -45.12 9.75
C LEU A 565 6.72 -45.12 9.14
N MET A 566 5.73 -45.10 10.00
CA MET A 566 4.32 -45.15 9.67
C MET A 566 3.78 -43.77 9.24
N LYS A 567 4.13 -42.69 9.98
CA LYS A 567 3.73 -41.32 9.64
C LYS A 567 4.34 -40.88 8.29
N ASN A 568 5.49 -41.49 7.87
CA ASN A 568 6.16 -41.19 6.60
C ASN A 568 5.57 -42.02 5.45
N MET A 569 5.42 -43.34 5.66
CA MET A 569 4.85 -44.26 4.68
C MET A 569 3.34 -44.01 4.50
N ASP A 570 2.65 -43.46 5.55
CA ASP A 570 1.23 -43.08 5.59
C ASP A 570 0.33 -44.27 5.08
N PRO A 571 0.32 -45.42 5.78
CA PRO A 571 -0.47 -46.54 5.25
C PRO A 571 -1.95 -46.45 5.59
N LEU A 572 -2.78 -47.01 4.73
CA LEU A 572 -4.22 -47.03 4.91
C LEU A 572 -4.75 -48.38 4.55
N ASN A 573 -5.92 -48.72 5.06
CA ASN A 573 -6.49 -50.00 4.67
C ASN A 573 -7.07 -49.86 3.27
N ASP A 574 -6.64 -50.74 2.37
CA ASP A 574 -7.15 -50.76 1.01
C ASP A 574 -8.64 -51.11 0.97
N ASN A 575 -9.04 -52.08 1.79
CA ASN A 575 -10.44 -52.55 1.83
C ASN A 575 -11.46 -51.50 2.28
N VAL A 576 -11.12 -50.73 3.31
CA VAL A 576 -12.01 -49.65 3.80
C VAL A 576 -12.02 -48.44 2.85
N ALA A 577 -10.83 -48.06 2.30
CA ALA A 577 -10.68 -46.95 1.36
C ALA A 577 -11.57 -47.15 0.16
N ALA A 578 -11.55 -48.37 -0.45
CA ALA A 578 -12.44 -48.78 -1.56
C ALA A 578 -13.91 -48.63 -1.19
N LEU A 579 -14.28 -49.00 0.02
CA LEU A 579 -15.66 -48.91 0.49
C LEU A 579 -16.08 -47.44 0.59
N LEU A 580 -15.22 -46.57 1.15
CA LEU A 580 -15.45 -45.13 1.25
C LEU A 580 -15.57 -44.48 -0.17
N HIS A 581 -14.87 -45.04 -1.16
CA HIS A 581 -14.91 -44.59 -2.54
C HIS A 581 -16.29 -44.89 -3.17
N GLN A 582 -16.86 -46.06 -2.76
CA GLN A 582 -18.15 -46.59 -3.23
C GLN A 582 -19.25 -46.17 -2.29
N SER A 583 -19.03 -45.16 -1.50
CA SER A 583 -19.99 -44.68 -0.54
C SER A 583 -21.25 -44.07 -1.11
N THR A 584 -22.37 -44.34 -0.44
CA THR A 584 -23.65 -43.78 -0.84
C THR A 584 -23.66 -42.26 -0.72
N ASP A 585 -23.05 -41.74 0.34
CA ASP A 585 -23.00 -40.31 0.61
C ASP A 585 -22.22 -39.50 -0.43
N ARG A 586 -22.75 -38.36 -0.79
CA ARG A 586 -22.10 -37.55 -1.76
C ARG A 586 -20.75 -37.00 -1.31
N LEU A 587 -20.67 -36.46 -0.11
CA LEU A 587 -19.40 -35.92 0.34
C LEU A 587 -18.30 -36.94 0.56
N THR A 588 -18.63 -38.06 1.17
CA THR A 588 -17.66 -39.08 1.49
C THR A 588 -17.07 -39.60 0.22
N ALA A 589 -17.93 -39.92 -0.72
CA ALA A 589 -17.53 -40.37 -2.05
C ALA A 589 -16.70 -39.34 -2.77
N GLU A 590 -17.05 -38.07 -2.67
CA GLU A 590 -16.27 -37.02 -3.35
C GLU A 590 -14.86 -36.86 -2.81
N ILE A 591 -14.73 -36.82 -1.49
CA ILE A 591 -13.43 -36.69 -0.83
C ILE A 591 -12.57 -37.92 -1.07
N TRP A 592 -13.25 -39.07 -1.00
CA TRP A 592 -12.63 -40.39 -1.17
C TRP A 592 -12.55 -40.86 -2.68
N LYS A 593 -12.85 -39.95 -3.63
CA LYS A 593 -12.78 -40.27 -5.06
C LYS A 593 -11.35 -40.58 -5.57
N ASP A 594 -10.30 -39.98 -5.00
CA ASP A 594 -8.93 -40.29 -5.42
C ASP A 594 -8.32 -41.36 -4.49
N VAL A 595 -8.05 -42.57 -5.04
CA VAL A 595 -7.49 -43.70 -4.30
C VAL A 595 -6.23 -44.20 -5.03
N GLU A 596 -5.03 -43.82 -4.53
CA GLU A 596 -3.72 -44.16 -5.11
C GLU A 596 -2.66 -44.59 -4.05
N GLY A 597 -3.03 -44.57 -2.76
CA GLY A 597 -2.15 -44.82 -1.63
C GLY A 597 -1.56 -46.20 -1.36
N ILE A 598 -0.83 -46.35 -0.27
CA ILE A 598 -0.22 -47.64 -0.01
C ILE A 598 -1.19 -48.67 0.59
N VAL A 599 -1.42 -49.74 -0.18
CA VAL A 599 -2.29 -50.83 0.23
C VAL A 599 -1.53 -51.80 1.13
N GLY A 600 -2.24 -52.60 1.91
CA GLY A 600 -1.56 -53.54 2.79
C GLY A 600 -0.59 -54.30 1.90
N LEU A 601 0.65 -54.39 2.35
CA LEU A 601 1.70 -55.04 1.55
C LEU A 601 3.04 -55.11 2.30
N ARG A 617 15.04 -52.94 -5.02
CA ARG A 617 14.72 -51.51 -5.01
C ARG A 617 13.75 -51.10 -3.87
N ARG A 618 13.66 -49.78 -3.59
CA ARG A 618 12.81 -49.19 -2.55
C ARG A 618 11.31 -49.27 -2.90
N GLY A 619 10.94 -48.86 -4.12
CA GLY A 619 9.56 -48.92 -4.59
C GLY A 619 9.18 -47.97 -5.72
N MET A 620 7.86 -47.63 -5.75
CA MET A 620 7.21 -46.73 -6.72
C MET A 620 6.16 -45.82 -6.02
N PHE A 621 6.24 -45.72 -4.68
CA PHE A 621 5.34 -44.92 -3.84
C PHE A 621 6.08 -43.78 -3.15
N ARG A 622 5.56 -42.55 -3.29
CA ARG A 622 6.13 -41.36 -2.65
C ARG A 622 5.75 -41.27 -1.17
N THR A 623 6.75 -41.06 -0.29
CA THR A 623 6.52 -40.95 1.16
C THR A 623 6.06 -39.53 1.46
N VAL A 624 5.59 -39.29 2.69
CA VAL A 624 5.14 -37.99 3.17
C VAL A 624 6.34 -37.01 3.09
N GLY A 625 7.52 -37.49 3.47
CA GLY A 625 8.75 -36.70 3.44
C GLY A 625 9.04 -36.21 2.04
N GLN A 626 9.15 -37.16 1.08
CA GLN A 626 9.38 -36.95 -0.37
C GLN A 626 8.39 -35.94 -0.93
N LEU A 627 7.07 -36.16 -0.69
CA LEU A 627 6.00 -35.31 -1.16
C LEU A 627 6.07 -33.89 -0.62
N TYR A 628 6.47 -33.74 0.63
CA TYR A 628 6.56 -32.43 1.26
C TYR A 628 7.79 -31.68 0.81
N LYS A 629 8.89 -32.41 0.57
CA LYS A 629 10.12 -31.82 0.07
C LYS A 629 9.80 -31.27 -1.34
N GLU A 630 9.17 -32.09 -2.21
CA GLU A 630 8.73 -31.73 -3.57
C GLU A 630 7.82 -30.49 -3.57
N SER A 631 6.86 -30.41 -2.65
CA SER A 631 5.94 -29.28 -2.52
C SER A 631 6.65 -28.01 -2.04
N LEU A 632 7.63 -28.14 -1.13
CA LEU A 632 8.35 -26.98 -0.62
C LEU A 632 9.24 -26.35 -1.71
N SER A 633 9.84 -27.22 -2.56
CA SER A 633 10.71 -26.81 -3.67
C SER A 633 9.88 -26.10 -4.71
N ARG A 634 8.63 -26.56 -4.93
CA ARG A 634 7.73 -25.87 -5.85
C ARG A 634 7.50 -24.45 -5.30
N LEU A 635 7.14 -24.30 -3.98
CA LEU A 635 6.93 -23.00 -3.33
C LEU A 635 8.16 -22.10 -3.42
N MET A 636 9.36 -22.66 -3.24
CA MET A 636 10.61 -21.88 -3.33
C MET A 636 10.88 -21.30 -4.72
N ALA A 637 10.68 -22.11 -5.74
CA ALA A 637 10.81 -21.72 -7.14
C ALA A 637 9.76 -20.65 -7.54
N THR A 638 8.55 -20.72 -6.93
CA THR A 638 7.50 -19.71 -7.14
C THR A 638 7.92 -18.39 -6.47
N LEU A 639 8.44 -18.46 -5.22
CA LEU A 639 8.92 -17.30 -4.47
C LEU A 639 10.15 -16.69 -5.16
N SER A 640 11.01 -17.52 -5.81
CA SER A 640 12.23 -17.02 -6.47
C SER A 640 11.95 -16.08 -7.66
N ASN A 641 10.74 -16.17 -8.22
CA ASN A 641 10.28 -15.35 -9.35
C ASN A 641 9.30 -14.28 -8.88
N THR A 642 9.52 -13.80 -7.63
CA THR A 642 8.77 -12.70 -7.00
C THR A 642 9.77 -11.74 -6.37
N ASN A 643 9.34 -10.48 -6.08
CA ASN A 643 10.21 -9.54 -5.35
C ASN A 643 9.66 -9.61 -3.89
N PRO A 644 10.43 -10.20 -2.97
CA PRO A 644 9.89 -10.40 -1.61
C PRO A 644 9.98 -9.19 -0.69
N SER A 645 9.08 -9.12 0.28
CA SER A 645 9.04 -8.12 1.34
C SER A 645 8.95 -8.98 2.62
N PHE A 646 9.86 -8.83 3.58
CA PHE A 646 9.90 -9.64 4.79
C PHE A 646 9.29 -8.97 5.98
N VAL A 647 8.51 -9.72 6.76
CA VAL A 647 7.96 -9.19 8.00
C VAL A 647 8.45 -10.14 9.10
N ARG A 648 9.40 -9.68 9.90
CA ARG A 648 9.94 -10.54 10.96
C ARG A 648 9.10 -10.41 12.23
N CYS A 649 8.16 -11.36 12.48
CA CYS A 649 7.31 -11.35 13.69
C CYS A 649 8.10 -11.89 14.89
N ILE A 650 8.08 -11.13 16.01
CA ILE A 650 8.82 -11.40 17.24
C ILE A 650 7.86 -11.66 18.40
N VAL A 651 8.03 -12.75 19.14
CA VAL A 651 7.18 -12.94 20.31
C VAL A 651 7.89 -12.29 21.54
N PRO A 652 7.20 -11.40 22.32
CA PRO A 652 7.86 -10.71 23.44
C PRO A 652 8.22 -11.60 24.65
N ASN A 653 7.34 -12.53 24.95
CA ASN A 653 7.43 -13.43 26.08
C ASN A 653 6.77 -14.74 25.76
N HIS A 654 6.90 -15.69 26.65
CA HIS A 654 6.33 -17.01 26.52
C HIS A 654 5.11 -17.25 27.41
N GLU A 655 4.40 -16.20 27.77
CA GLU A 655 3.30 -16.28 28.73
C GLU A 655 1.99 -15.69 28.21
N LYS A 656 1.99 -15.29 26.95
CA LYS A 656 0.87 -14.66 26.27
C LYS A 656 0.43 -13.44 27.02
N ARG A 657 1.39 -12.69 27.50
CA ARG A 657 1.15 -11.51 28.29
C ARG A 657 1.45 -10.24 27.57
N ALA A 658 0.56 -9.29 27.69
CA ALA A 658 0.77 -7.98 27.12
C ALA A 658 1.67 -7.15 28.01
N GLY A 659 2.34 -6.16 27.43
CA GLY A 659 3.14 -5.24 28.20
C GLY A 659 4.19 -5.93 29.06
N LYS A 660 4.77 -7.00 28.53
CA LYS A 660 5.77 -7.76 29.23
C LYS A 660 6.83 -8.31 28.26
N LEU A 661 7.72 -7.44 27.74
CA LEU A 661 8.81 -7.81 26.83
C LEU A 661 9.93 -8.50 27.61
N GLU A 662 10.34 -9.73 27.19
CA GLU A 662 11.44 -10.45 27.82
C GLU A 662 12.74 -10.29 26.97
N PRO A 663 13.68 -9.44 27.44
CA PRO A 663 14.88 -9.10 26.65
C PRO A 663 15.70 -10.22 26.05
N ARG A 664 15.97 -11.27 26.83
CA ARG A 664 16.78 -12.39 26.37
C ARG A 664 16.06 -13.22 25.29
N LEU A 665 14.73 -13.32 25.36
CA LEU A 665 13.91 -13.99 24.34
C LEU A 665 13.90 -13.17 23.02
N VAL A 666 13.77 -11.83 23.12
CA VAL A 666 13.79 -10.92 21.95
C VAL A 666 15.19 -10.90 21.28
N LEU A 667 16.23 -10.94 22.08
CA LEU A 667 17.59 -10.98 21.60
C LEU A 667 17.88 -12.24 20.82
N ASP A 668 17.39 -13.40 21.26
CA ASP A 668 17.61 -14.68 20.57
C ASP A 668 17.00 -14.68 19.19
N GLN A 669 15.82 -14.14 19.09
CA GLN A 669 15.01 -14.01 17.87
C GLN A 669 15.68 -13.06 16.91
N LEU A 670 16.09 -11.87 17.38
CA LEU A 670 16.79 -10.89 16.55
C LEU A 670 18.09 -11.48 16.00
N ARG A 671 18.75 -12.37 16.81
CA ARG A 671 20.00 -13.08 16.54
C ARG A 671 19.83 -14.15 15.47
N CYS A 672 18.89 -15.10 15.62
CA CYS A 672 18.74 -16.17 14.62
C CYS A 672 18.13 -15.68 13.31
N ASN A 673 17.37 -14.59 13.39
CA ASN A 673 16.72 -13.96 12.25
C ASN A 673 17.68 -13.20 11.37
N GLY A 674 18.79 -12.80 11.95
CA GLY A 674 19.81 -12.01 11.26
C GLY A 674 19.35 -10.60 11.05
N VAL A 675 18.57 -10.06 12.01
CA VAL A 675 18.05 -8.71 11.95
C VAL A 675 19.18 -7.68 11.83
N LEU A 676 20.21 -7.72 12.71
CA LEU A 676 21.28 -6.71 12.63
C LEU A 676 22.07 -6.78 11.35
N GLU A 677 22.41 -8.00 10.90
CA GLU A 677 23.19 -8.21 9.68
C GLU A 677 22.43 -7.64 8.47
N GLY A 678 21.11 -7.82 8.43
CA GLY A 678 20.33 -7.29 7.33
C GLY A 678 20.43 -5.78 7.32
N ILE A 679 20.36 -5.16 8.51
CA ILE A 679 20.47 -3.71 8.64
C ILE A 679 21.83 -3.21 8.19
N ARG A 680 22.87 -3.95 8.57
CA ARG A 680 24.25 -3.63 8.20
C ARG A 680 24.51 -3.75 6.73
N ILE A 681 23.91 -4.76 6.04
CA ILE A 681 24.08 -4.87 4.57
C ILE A 681 23.38 -3.70 3.83
N CYS A 682 22.44 -3.01 4.52
CA CYS A 682 21.71 -1.85 4.02
C CYS A 682 22.55 -0.54 4.17
N ARG A 683 23.33 -0.42 5.25
CA ARG A 683 24.20 0.72 5.54
C ARG A 683 25.55 0.62 4.79
N GLN A 684 26.07 -0.62 4.64
CA GLN A 684 27.35 -0.90 3.99
C GLN A 684 27.25 -1.06 2.51
N GLY A 685 26.08 -1.43 2.01
CA GLY A 685 25.88 -1.57 0.57
C GLY A 685 25.20 -0.35 -0.03
N PHE A 686 24.54 -0.57 -1.18
CA PHE A 686 23.77 0.42 -1.94
C PHE A 686 22.34 -0.19 -2.17
N PRO A 687 21.34 0.06 -1.28
CA PRO A 687 20.05 -0.63 -1.44
C PRO A 687 19.12 -0.15 -2.56
N ASN A 688 19.38 1.02 -3.10
CA ASN A 688 18.59 1.60 -4.15
C ASN A 688 19.31 1.64 -5.48
N ARG A 689 18.65 1.16 -6.52
CA ARG A 689 19.19 1.14 -7.84
C ARG A 689 18.20 1.76 -8.80
N ILE A 690 18.72 2.44 -9.83
CA ILE A 690 17.89 3.10 -10.83
C ILE A 690 18.48 2.91 -12.23
N LEU A 691 17.67 2.64 -13.24
CA LEU A 691 18.21 2.45 -14.57
C LEU A 691 18.68 3.78 -15.16
N PHE A 692 19.62 3.76 -16.10
CA PHE A 692 20.13 5.01 -16.64
C PHE A 692 19.03 5.85 -17.28
N GLN A 693 18.18 5.25 -18.09
CA GLN A 693 17.06 5.99 -18.73
C GLN A 693 16.08 6.64 -17.72
N GLU A 694 15.76 5.95 -16.61
CA GLU A 694 14.86 6.47 -15.59
C GLU A 694 15.49 7.60 -14.77
N PHE A 695 16.80 7.54 -14.55
CA PHE A 695 17.51 8.58 -13.80
C PHE A 695 17.50 9.91 -14.60
N ARG A 696 17.97 9.84 -15.84
CA ARG A 696 18.03 10.95 -16.80
C ARG A 696 16.66 11.62 -16.92
N GLN A 697 15.63 10.80 -17.15
CA GLN A 697 14.29 11.31 -17.23
C GLN A 697 13.79 11.93 -15.94
N ARG A 698 14.01 11.27 -14.84
CA ARG A 698 13.58 11.81 -13.61
C ARG A 698 14.28 13.07 -13.09
N TYR A 699 15.60 13.18 -13.17
CA TYR A 699 16.25 14.35 -12.53
C TYR A 699 16.89 15.39 -13.47
N GLU A 700 16.43 15.47 -14.76
CA GLU A 700 16.89 16.44 -15.76
C GLU A 700 16.55 17.90 -15.37
N ILE A 701 15.54 18.14 -14.50
CA ILE A 701 15.23 19.50 -14.02
C ILE A 701 16.31 20.01 -13.06
N LEU A 702 17.08 19.08 -12.47
CA LEU A 702 18.12 19.41 -11.51
C LEU A 702 19.43 19.81 -12.16
N THR A 703 19.67 19.34 -13.40
CA THR A 703 20.89 19.60 -14.18
C THR A 703 20.51 20.14 -15.57
N PRO A 704 19.94 21.36 -15.70
CA PRO A 704 19.45 21.80 -17.01
C PRO A 704 20.45 21.82 -18.18
N ASN A 705 21.72 22.16 -17.92
CA ASN A 705 22.72 22.27 -18.97
C ASN A 705 23.85 21.20 -18.87
N ALA A 706 23.56 20.06 -18.24
CA ALA A 706 24.52 18.95 -18.09
C ALA A 706 24.71 18.13 -19.37
N ILE A 707 23.60 17.82 -20.06
CA ILE A 707 23.60 17.01 -21.29
C ILE A 707 23.33 17.88 -22.54
N PRO A 708 24.18 17.79 -23.54
CA PRO A 708 23.93 18.63 -24.70
C PRO A 708 23.22 17.98 -25.87
N LYS A 709 22.20 18.63 -26.44
CA LYS A 709 21.58 18.14 -27.66
C LYS A 709 21.21 16.67 -27.66
N GLY A 710 21.67 15.95 -28.68
CA GLY A 710 21.46 14.52 -28.77
C GLY A 710 22.76 13.85 -28.34
N PHE A 711 22.69 13.17 -27.20
CA PHE A 711 23.84 12.44 -26.66
C PHE A 711 23.79 10.96 -27.03
N MET A 712 22.56 10.44 -27.14
CA MET A 712 22.29 9.05 -27.51
C MET A 712 22.97 8.00 -26.61
N ASP A 713 23.02 8.26 -25.30
CA ASP A 713 23.64 7.30 -24.38
C ASP A 713 23.25 7.35 -22.90
N GLY A 714 22.96 6.20 -22.32
CA GLY A 714 22.60 6.11 -20.91
C GLY A 714 23.65 6.34 -19.84
N LYS A 715 24.72 5.51 -19.83
CA LYS A 715 25.81 5.58 -18.85
C LYS A 715 26.51 6.95 -18.79
N GLN A 716 26.85 7.53 -19.97
CA GLN A 716 27.54 8.82 -20.03
C GLN A 716 26.63 9.99 -19.63
N ALA A 717 25.37 10.00 -20.10
CA ALA A 717 24.35 11.02 -19.82
C ALA A 717 24.09 11.12 -18.33
N CYS A 718 24.11 9.97 -17.64
CA CYS A 718 23.98 9.88 -16.17
C CYS A 718 25.26 10.36 -15.53
N GLU A 719 26.41 10.00 -16.14
CA GLU A 719 27.73 10.42 -15.62
C GLU A 719 27.91 11.94 -15.66
N LYS A 720 27.35 12.62 -16.70
CA LYS A 720 27.42 14.09 -16.81
C LYS A 720 26.47 14.75 -15.80
N MET A 721 25.29 14.15 -15.58
CA MET A 721 24.31 14.64 -14.61
C MET A 721 24.88 14.51 -13.20
N ILE A 722 25.50 13.36 -12.86
CA ILE A 722 26.10 13.17 -11.53
C ILE A 722 27.17 14.27 -11.31
N GLN A 723 28.13 14.39 -12.26
CA GLN A 723 29.20 15.42 -12.27
C GLN A 723 28.61 16.82 -12.00
N ALA A 724 27.54 17.20 -12.75
CA ALA A 724 26.80 18.46 -12.60
C ALA A 724 26.14 18.59 -11.22
N LEU A 725 25.57 17.48 -10.67
CA LEU A 725 24.96 17.47 -9.32
C LEU A 725 26.00 17.59 -8.22
N GLU A 726 27.26 17.22 -8.53
CA GLU A 726 28.41 17.22 -7.61
C GLU A 726 28.18 16.29 -6.40
N LEU A 727 27.49 15.18 -6.65
CA LEU A 727 27.16 14.22 -5.61
C LEU A 727 28.42 13.58 -5.06
N ASP A 728 28.40 13.26 -3.78
CA ASP A 728 29.55 12.64 -3.16
C ASP A 728 29.79 11.30 -3.85
N PRO A 729 31.06 11.00 -4.12
CA PRO A 729 31.42 9.76 -4.81
C PRO A 729 30.97 8.57 -4.00
N ASN A 730 31.10 8.67 -2.68
CA ASN A 730 30.73 7.57 -1.81
C ASN A 730 29.21 7.37 -1.67
N LEU A 731 28.38 8.26 -2.27
CA LEU A 731 26.92 8.11 -2.19
C LEU A 731 26.32 7.31 -3.33
N TYR A 732 27.13 6.95 -4.33
CA TYR A 732 26.66 6.25 -5.52
C TYR A 732 27.74 5.38 -6.15
N ARG A 733 27.38 4.53 -7.12
CA ARG A 733 28.32 3.69 -7.90
C ARG A 733 27.71 3.48 -9.30
N VAL A 734 28.39 3.96 -10.36
CA VAL A 734 27.88 3.76 -11.72
C VAL A 734 28.17 2.32 -12.15
N GLY A 735 27.13 1.58 -12.46
CA GLY A 735 27.25 0.19 -12.92
C GLY A 735 27.15 0.05 -14.42
N GLN A 736 27.01 -1.20 -14.93
CA GLN A 736 26.87 -1.44 -16.37
C GLN A 736 25.49 -1.05 -16.92
N SER A 737 24.42 -1.07 -16.08
CA SER A 737 23.08 -0.73 -16.58
C SER A 737 22.28 0.24 -15.68
N LYS A 738 22.73 0.43 -14.44
CA LYS A 738 22.01 1.26 -13.46
C LYS A 738 22.98 2.01 -12.61
N ILE A 739 22.44 2.93 -11.81
CA ILE A 739 23.21 3.61 -10.76
C ILE A 739 22.69 3.09 -9.41
N PHE A 740 23.62 2.71 -8.54
CA PHE A 740 23.39 2.25 -7.19
C PHE A 740 23.56 3.44 -6.25
N PHE A 741 22.64 3.65 -5.30
CA PHE A 741 22.74 4.75 -4.33
C PHE A 741 22.71 4.18 -2.90
N ARG A 742 23.29 4.93 -1.91
CA ARG A 742 23.23 4.60 -0.48
C ARG A 742 21.79 4.94 -0.03
N ALA A 743 21.29 4.34 1.08
CA ALA A 743 19.92 4.64 1.54
C ALA A 743 19.65 6.15 1.73
N GLY A 744 18.48 6.60 1.24
CA GLY A 744 18.00 7.97 1.38
C GLY A 744 18.45 9.00 0.34
N VAL A 745 19.33 8.60 -0.61
CA VAL A 745 19.87 9.49 -1.65
C VAL A 745 18.80 9.81 -2.70
N LEU A 746 17.97 8.82 -3.06
CA LEU A 746 16.92 9.08 -4.04
C LEU A 746 15.78 9.88 -3.45
N ALA A 747 15.39 9.56 -2.19
CA ALA A 747 14.35 10.25 -1.40
C ALA A 747 14.61 11.75 -1.29
N GLN A 748 15.88 12.13 -1.22
CA GLN A 748 16.28 13.53 -1.14
C GLN A 748 16.32 14.18 -2.52
N LEU A 749 16.60 13.40 -3.59
CA LEU A 749 16.62 13.90 -4.97
C LEU A 749 15.19 14.13 -5.47
N GLU A 750 14.21 13.30 -5.00
CA GLU A 750 12.78 13.40 -5.30
C GLU A 750 12.20 14.67 -4.68
N GLU A 751 12.76 15.09 -3.51
CA GLU A 751 12.33 16.29 -2.81
C GLU A 751 12.95 17.53 -3.46
N GLU A 752 14.17 17.38 -4.01
CA GLU A 752 14.91 18.44 -4.70
C GLU A 752 14.30 18.69 -6.06
N ARG A 753 13.84 17.62 -6.70
CA ARG A 753 13.19 17.66 -8.02
C ARG A 753 11.80 18.32 -7.88
N ALA A 754 11.05 17.95 -6.80
CA ALA A 754 9.73 18.51 -6.47
C ALA A 754 9.84 19.97 -6.12
N SER A 755 10.99 20.35 -5.52
CA SER A 755 11.31 21.71 -5.15
C SER A 755 11.54 22.53 -6.42
N GLU A 756 12.35 21.99 -7.37
CA GLU A 756 12.64 22.67 -8.65
C GLU A 756 11.42 22.74 -9.56
N GLN A 757 10.51 21.75 -9.50
CA GLN A 757 9.26 21.70 -10.27
C GLN A 757 8.34 22.84 -9.84
N THR A 758 8.27 23.09 -8.52
CA THR A 758 7.47 24.16 -7.92
C THR A 758 8.12 25.51 -8.24
N LYS A 759 9.45 25.57 -8.13
CA LYS A 759 10.27 26.76 -8.42
C LYS A 759 10.13 27.17 -9.89
N SER A 760 10.05 26.19 -10.81
CA SER A 760 9.90 26.43 -12.25
C SER A 760 8.50 26.95 -12.59
N ASP A 761 7.44 26.33 -12.02
CA ASP A 761 6.04 26.69 -12.20
C ASP A 761 5.74 28.10 -11.68
N TYR A 762 6.30 28.44 -10.51
CA TYR A 762 6.15 29.76 -9.90
C TYR A 762 6.81 30.82 -10.80
N LEU A 763 8.07 30.58 -11.21
CA LEU A 763 8.84 31.48 -12.06
C LEU A 763 8.20 31.78 -13.40
N LYS A 764 7.53 30.78 -14.01
CA LYS A 764 6.85 30.90 -15.30
C LYS A 764 5.60 31.82 -15.16
N ARG A 765 4.72 31.48 -14.20
CA ARG A 765 3.48 32.18 -13.89
C ARG A 765 3.71 33.63 -13.42
N ALA A 766 4.67 33.85 -12.51
CA ALA A 766 5.01 35.18 -12.00
C ALA A 766 5.65 36.07 -13.06
N ASN A 767 6.24 35.48 -14.11
CA ASN A 767 6.83 36.23 -15.22
C ASN A 767 5.74 36.65 -16.18
N GLU A 768 4.72 35.78 -16.37
CA GLU A 768 3.57 36.03 -17.23
C GLU A 768 2.61 37.05 -16.61
N LEU A 769 2.50 37.04 -15.26
CA LEU A 769 1.67 37.94 -14.47
C LEU A 769 2.20 39.38 -14.57
N VAL A 770 3.54 39.55 -14.43
CA VAL A 770 4.22 40.84 -14.54
C VAL A 770 4.13 41.37 -15.98
N GLN A 771 4.27 40.48 -16.98
CA GLN A 771 4.15 40.81 -18.40
C GLN A 771 2.75 41.33 -18.72
N TRP A 772 1.72 40.78 -18.05
CA TRP A 772 0.32 41.16 -18.23
C TRP A 772 -0.03 42.47 -17.53
N ILE A 773 0.39 42.65 -16.26
CA ILE A 773 0.08 43.86 -15.48
C ILE A 773 0.86 45.10 -16.00
N ASN A 774 2.06 44.91 -16.56
CA ASN A 774 2.86 46.02 -17.12
C ASN A 774 2.33 46.45 -18.49
N ASP A 775 1.71 45.52 -19.25
CA ASP A 775 1.13 45.79 -20.56
C ASP A 775 -0.20 46.52 -20.42
N LYS A 776 -1.02 46.15 -19.42
CA LYS A 776 -2.30 46.80 -19.15
C LYS A 776 -2.12 48.17 -18.50
N GLN A 777 -1.06 48.36 -17.69
CA GLN A 777 -0.71 49.64 -17.05
C GLN A 777 -0.43 50.67 -18.17
N ALA A 778 0.31 50.25 -19.22
CA ALA A 778 0.64 51.06 -20.39
C ALA A 778 -0.60 51.42 -21.21
N SER A 779 -1.65 50.56 -21.15
CA SER A 779 -2.92 50.78 -21.83
C SER A 779 -3.81 51.74 -21.03
N LEU A 780 -3.60 51.80 -19.70
CA LEU A 780 -4.35 52.67 -18.79
C LEU A 780 -3.80 54.11 -18.78
N GLU A 781 -2.51 54.30 -19.12
CA GLU A 781 -1.87 55.63 -19.15
C GLU A 781 -1.32 56.00 -20.55
N SER A 782 -2.25 56.20 -21.51
CA SER A 782 -1.92 56.58 -22.89
C SER A 782 -2.40 58.01 -23.18
N ARG A 783 -3.52 58.43 -22.57
CA ARG A 783 -4.17 59.74 -22.65
C ARG A 783 -4.58 60.16 -24.09
N ASP A 784 -5.11 59.19 -24.86
CA ASP A 784 -5.62 59.39 -26.23
C ASP A 784 -6.92 58.57 -26.37
N PHE A 785 -8.06 59.26 -26.21
CA PHE A 785 -9.39 58.65 -26.20
C PHE A 785 -10.15 58.72 -27.56
N GLY A 786 -9.81 59.67 -28.44
CA GLY A 786 -10.41 59.71 -29.77
C GLY A 786 -11.22 60.90 -30.27
N ASP A 787 -11.52 61.91 -29.41
CA ASP A 787 -12.28 63.12 -29.74
C ASP A 787 -13.78 62.88 -30.10
N SER A 788 -14.34 61.72 -29.77
CA SER A 788 -15.75 61.42 -30.03
C SER A 788 -16.42 61.00 -28.73
N ILE A 789 -17.71 61.36 -28.53
CA ILE A 789 -18.46 60.95 -27.33
C ILE A 789 -18.65 59.44 -27.33
N GLU A 790 -18.85 58.85 -28.52
CA GLU A 790 -19.00 57.41 -28.73
C GLU A 790 -17.68 56.66 -28.46
N SER A 791 -16.52 57.33 -28.66
CA SER A 791 -15.19 56.78 -28.39
C SER A 791 -14.96 56.79 -26.88
N VAL A 792 -15.28 57.92 -26.21
CA VAL A 792 -15.15 58.09 -24.75
C VAL A 792 -16.18 57.19 -24.02
N GLN A 793 -17.26 56.75 -24.72
CA GLN A 793 -18.23 55.80 -24.19
C GLN A 793 -17.67 54.38 -24.29
N SER A 794 -16.97 54.07 -25.42
CA SER A 794 -16.34 52.78 -25.71
C SER A 794 -15.26 52.45 -24.68
N PHE A 795 -14.44 53.45 -24.30
CA PHE A 795 -13.38 53.31 -23.30
C PHE A 795 -13.97 53.09 -21.90
N MET A 796 -15.20 53.59 -21.65
CA MET A 796 -15.90 53.40 -20.38
C MET A 796 -16.56 52.03 -20.34
N ASN A 797 -17.09 51.56 -21.49
CA ASN A 797 -17.73 50.25 -21.61
C ASN A 797 -16.71 49.11 -21.48
N ALA A 798 -15.50 49.31 -22.05
CA ALA A 798 -14.40 48.34 -22.02
C ALA A 798 -13.83 48.18 -20.61
N HIS A 799 -13.42 49.30 -19.97
CA HIS A 799 -12.85 49.33 -18.62
C HIS A 799 -13.77 48.69 -17.57
N LYS A 800 -15.10 48.86 -17.69
CA LYS A 800 -16.07 48.29 -16.75
C LYS A 800 -16.18 46.77 -16.89
N GLU A 801 -16.02 46.25 -18.12
CA GLU A 801 -16.05 44.81 -18.39
C GLU A 801 -14.71 44.21 -17.93
N TYR A 802 -13.58 44.89 -18.27
CA TYR A 802 -12.21 44.51 -17.90
C TYR A 802 -12.05 44.39 -16.37
N LYS A 803 -12.74 45.26 -15.62
CA LYS A 803 -12.77 45.30 -14.16
C LYS A 803 -13.51 44.06 -13.59
N LYS A 804 -14.43 43.46 -14.37
CA LYS A 804 -15.21 42.30 -13.90
C LYS A 804 -15.10 41.04 -14.79
N THR A 805 -14.08 40.96 -15.69
CA THR A 805 -13.86 39.81 -16.57
C THR A 805 -12.40 39.35 -16.58
N GLU A 806 -11.46 40.26 -16.92
CA GLU A 806 -10.03 39.99 -16.98
C GLU A 806 -9.36 40.20 -15.63
N LYS A 807 -9.84 41.12 -14.83
CA LYS A 807 -9.20 41.39 -13.58
C LYS A 807 -9.24 40.33 -12.49
N PRO A 808 -10.40 39.71 -12.29
CA PRO A 808 -10.57 38.77 -11.20
C PRO A 808 -9.70 37.55 -11.28
N PRO A 809 -9.56 36.99 -12.47
CA PRO A 809 -8.67 35.85 -12.55
C PRO A 809 -7.25 36.26 -12.20
N LYS A 810 -6.79 37.38 -12.73
CA LYS A 810 -5.44 37.82 -12.44
C LYS A 810 -5.24 38.11 -10.97
N GLY A 811 -6.21 38.74 -10.36
CA GLY A 811 -6.08 39.10 -8.96
C GLY A 811 -5.94 37.87 -8.11
N GLN A 812 -6.58 36.80 -8.58
CA GLN A 812 -6.60 35.50 -7.92
C GLN A 812 -5.21 34.87 -8.07
N GLU A 813 -4.56 35.01 -9.25
CA GLU A 813 -3.22 34.51 -9.54
C GLU A 813 -2.19 35.19 -8.61
N VAL A 814 -2.45 36.45 -8.22
CA VAL A 814 -1.63 37.23 -7.28
C VAL A 814 -1.68 36.53 -5.89
N SER A 815 -2.89 36.13 -5.44
CA SER A 815 -3.11 35.46 -4.17
C SER A 815 -2.69 33.97 -4.17
N GLU A 816 -2.74 33.31 -5.36
CA GLU A 816 -2.35 31.92 -5.55
C GLU A 816 -0.83 31.77 -5.49
N LEU A 817 -0.10 32.62 -6.26
CA LEU A 817 1.36 32.63 -6.30
C LEU A 817 1.96 33.04 -4.95
N GLU A 818 1.33 34.00 -4.23
CA GLU A 818 1.77 34.45 -2.90
C GLU A 818 1.74 33.29 -1.89
N ALA A 819 0.70 32.43 -1.98
CA ALA A 819 0.53 31.24 -1.13
C ALA A 819 1.58 30.18 -1.48
N ILE A 820 1.75 29.89 -2.80
CA ILE A 820 2.71 28.93 -3.36
C ILE A 820 4.15 29.24 -2.88
N TYR A 821 4.57 30.51 -2.99
CA TYR A 821 5.89 31.00 -2.57
C TYR A 821 6.11 30.72 -1.09
N ASN A 822 5.17 31.10 -0.21
CA ASN A 822 5.27 30.88 1.24
C ASN A 822 5.31 29.39 1.61
N SER A 823 4.61 28.54 0.82
CA SER A 823 4.55 27.08 1.00
C SER A 823 5.84 26.41 0.53
N LEU A 824 6.48 26.94 -0.54
CA LEU A 824 7.75 26.46 -1.08
C LEU A 824 8.89 26.89 -0.18
N GLN A 825 8.78 28.08 0.47
CA GLN A 825 9.77 28.61 1.41
C GLN A 825 9.84 27.68 2.62
N THR A 826 8.67 27.45 3.28
CA THR A 826 8.54 26.58 4.46
C THR A 826 8.91 25.13 4.15
N LYS A 827 8.64 24.68 2.89
CA LYS A 827 8.95 23.33 2.38
C LYS A 827 10.45 23.04 2.46
N LEU A 828 11.29 24.05 2.13
CA LEU A 828 12.76 23.93 2.16
C LEU A 828 13.26 23.72 3.61
N ARG A 829 13.45 22.43 3.98
CA ARG A 829 13.86 21.95 5.29
C ARG A 829 15.38 21.85 5.41
N GLU A 834 17.51 22.87 1.22
CA GLU A 834 18.16 23.74 2.21
C GLU A 834 18.23 25.24 1.81
N PRO A 835 18.63 25.66 0.59
CA PRO A 835 18.66 27.10 0.30
C PRO A 835 17.32 27.66 -0.17
N PHE A 836 16.92 28.82 0.39
CA PHE A 836 15.65 29.46 0.02
C PHE A 836 15.75 30.13 -1.35
N VAL A 837 14.65 30.05 -2.10
CA VAL A 837 14.62 30.61 -3.43
C VAL A 837 14.60 32.12 -3.35
N ALA A 838 15.43 32.72 -4.16
CA ALA A 838 15.50 34.14 -4.26
C ALA A 838 15.47 34.48 -5.73
N PRO A 839 14.40 35.16 -6.19
CA PRO A 839 14.21 35.59 -7.57
C PRO A 839 14.24 37.09 -7.73
N ALA A 840 14.45 37.61 -8.93
CA ALA A 840 14.44 39.06 -9.11
C ALA A 840 13.20 39.77 -9.58
N GLY A 841 12.68 40.70 -8.78
CA GLY A 841 11.51 41.54 -9.12
C GLY A 841 10.23 40.75 -9.05
N LEU A 842 10.38 39.47 -8.78
CA LEU A 842 9.24 38.54 -8.72
C LEU A 842 8.89 38.06 -7.30
N THR A 843 9.23 38.84 -6.26
CA THR A 843 8.88 38.49 -4.88
C THR A 843 7.39 38.79 -4.70
N PRO A 844 6.62 37.98 -3.91
CA PRO A 844 5.18 38.28 -3.75
C PRO A 844 4.86 39.67 -3.20
N ASN A 845 5.77 40.25 -2.41
CA ASN A 845 5.65 41.59 -1.85
C ASN A 845 5.81 42.63 -2.95
N GLU A 846 6.71 42.38 -3.94
CA GLU A 846 6.88 43.29 -5.07
C GLU A 846 5.81 43.06 -6.14
N ILE A 847 5.14 41.88 -6.11
CA ILE A 847 4.02 41.55 -7.00
C ILE A 847 2.86 42.44 -6.53
N ASP A 848 2.72 42.62 -5.20
CA ASP A 848 1.72 43.46 -4.55
C ASP A 848 1.95 44.95 -4.87
N SER A 849 3.21 45.43 -4.77
CA SER A 849 3.61 46.81 -5.05
C SER A 849 3.43 47.24 -6.51
N THR A 850 3.49 46.30 -7.47
CA THR A 850 3.28 46.61 -8.89
C THR A 850 1.79 46.49 -9.25
N TRP A 851 1.04 45.67 -8.49
CA TRP A 851 -0.41 45.49 -8.66
C TRP A 851 -1.16 46.66 -8.03
N SER A 852 -0.58 47.28 -6.98
CA SER A 852 -1.14 48.47 -6.33
C SER A 852 -0.98 49.67 -7.26
N ALA A 853 0.11 49.66 -8.06
CA ALA A 853 0.42 50.67 -9.07
C ALA A 853 -0.50 50.46 -10.30
N LEU A 854 -0.95 49.21 -10.52
CA LEU A 854 -1.88 48.87 -11.60
C LEU A 854 -3.26 49.44 -11.22
N GLU A 855 -3.66 49.29 -9.95
CA GLU A 855 -4.94 49.79 -9.43
C GLU A 855 -4.94 51.32 -9.34
N LYS A 856 -3.76 51.93 -9.04
CA LYS A 856 -3.56 53.39 -8.99
C LYS A 856 -3.64 53.98 -10.39
N ALA A 857 -3.40 53.17 -11.42
CA ALA A 857 -3.49 53.56 -12.82
C ALA A 857 -4.93 53.37 -13.28
N GLU A 858 -5.67 52.44 -12.64
CA GLU A 858 -7.07 52.14 -12.95
C GLU A 858 -7.99 53.29 -12.50
N GLN A 859 -7.75 53.82 -11.28
CA GLN A 859 -8.49 54.93 -10.68
C GLN A 859 -8.26 56.23 -11.47
N GLU A 860 -6.98 56.50 -11.84
CA GLU A 860 -6.55 57.67 -12.61
C GLU A 860 -6.94 57.58 -14.10
N HIS A 861 -7.39 56.40 -14.56
CA HIS A 861 -7.84 56.20 -15.94
C HIS A 861 -9.34 56.50 -16.04
N ALA A 862 -10.13 55.96 -15.07
CA ALA A 862 -11.59 56.11 -14.96
C ALA A 862 -12.00 57.53 -14.60
N GLU A 863 -11.16 58.24 -13.82
CA GLU A 863 -11.42 59.63 -13.42
C GLU A 863 -11.15 60.53 -14.61
N ALA A 864 -10.08 60.25 -15.38
CA ALA A 864 -9.72 60.98 -16.60
C ALA A 864 -10.76 60.71 -17.70
N LEU A 865 -11.55 59.62 -17.56
CA LEU A 865 -12.64 59.23 -18.45
C LEU A 865 -13.91 60.03 -18.12
N ARG A 866 -14.09 60.39 -16.83
CA ARG A 866 -15.23 61.19 -16.37
C ARG A 866 -14.99 62.64 -16.75
N ILE A 867 -13.76 63.11 -16.58
CA ILE A 867 -13.44 64.47 -16.98
C ILE A 867 -13.60 64.59 -18.50
N GLU A 868 -13.13 63.55 -19.22
CA GLU A 868 -13.22 63.53 -20.68
C GLU A 868 -14.66 63.51 -21.18
N LEU A 869 -15.51 62.73 -20.53
CA LEU A 869 -16.92 62.65 -20.88
C LEU A 869 -17.66 63.99 -20.71
N LYS A 870 -17.29 64.76 -19.66
CA LYS A 870 -17.83 66.09 -19.34
C LYS A 870 -17.52 67.05 -20.49
N ARG A 871 -16.23 67.10 -20.83
CA ARG A 871 -15.74 67.94 -21.89
C ARG A 871 -16.23 67.60 -23.27
N GLN A 872 -16.33 66.33 -23.59
CA GLN A 872 -16.79 65.89 -24.92
C GLN A 872 -18.25 66.25 -25.14
N LYS A 873 -19.06 66.20 -24.07
CA LYS A 873 -20.49 66.53 -24.06
C LYS A 873 -20.73 68.05 -23.96
N LYS A 874 -19.74 68.80 -23.42
CA LYS A 874 -19.77 70.26 -23.33
C LYS A 874 -19.50 70.82 -24.71
N ILE A 875 -18.73 70.08 -25.53
CA ILE A 875 -18.38 70.43 -26.91
C ILE A 875 -19.59 70.13 -27.84
N ALA A 876 -20.27 68.98 -27.67
CA ALA A 876 -21.46 68.61 -28.47
C ALA A 876 -22.64 69.62 -28.35
N VAL A 877 -22.84 70.17 -27.12
CA VAL A 877 -23.88 71.16 -26.79
C VAL A 877 -23.53 72.49 -27.50
N LEU A 878 -22.27 72.92 -27.39
CA LEU A 878 -21.75 74.12 -28.05
C LEU A 878 -21.79 74.01 -29.58
N LEU A 879 -21.67 72.80 -30.13
CA LEU A 879 -21.73 72.57 -31.58
C LEU A 879 -23.16 72.60 -32.12
N GLN A 880 -24.13 71.99 -31.39
CA GLN A 880 -25.54 71.97 -31.80
C GLN A 880 -26.19 73.34 -31.67
N LYS A 881 -25.72 74.16 -30.69
CA LYS A 881 -26.13 75.54 -30.45
C LYS A 881 -25.61 76.40 -31.58
N TYR A 882 -24.42 76.07 -32.07
CA TYR A 882 -23.75 76.77 -33.16
C TYR A 882 -24.38 76.46 -34.51
N ASN A 883 -24.59 75.16 -34.82
CA ASN A 883 -25.14 74.73 -36.10
C ASN A 883 -26.60 75.13 -36.27
N ARG A 884 -27.37 75.19 -35.16
CA ARG A 884 -28.77 75.63 -35.13
C ARG A 884 -28.79 77.12 -35.49
N ILE A 885 -27.89 77.91 -34.94
CA ILE A 885 -27.84 79.31 -35.23
C ILE A 885 -27.52 79.62 -36.68
N LEU A 886 -26.55 78.93 -37.22
CA LEU A 886 -26.22 79.13 -38.59
C LEU A 886 -27.31 78.65 -39.50
N LYS A 887 -27.96 77.57 -39.13
CA LYS A 887 -28.96 76.98 -40.02
C LYS A 887 -30.11 77.98 -40.22
N LYS A 888 -30.57 78.62 -39.11
CA LYS A 888 -31.61 79.65 -39.09
C LYS A 888 -31.20 80.87 -39.91
N LEU A 889 -29.91 81.24 -39.85
CA LEU A 889 -29.29 82.35 -40.59
C LEU A 889 -29.26 82.06 -42.07
N GLU A 890 -28.96 80.80 -42.43
CA GLU A 890 -28.91 80.34 -43.82
C GLU A 890 -30.32 80.33 -44.36
N ASN A 891 -31.30 79.84 -43.56
CA ASN A 891 -32.72 79.78 -43.89
C ASN A 891 -33.34 81.17 -44.09
N TRP A 892 -33.20 82.08 -43.10
CA TRP A 892 -33.75 83.44 -43.13
C TRP A 892 -33.23 84.27 -44.32
N ALA A 893 -31.91 84.24 -44.57
CA ALA A 893 -31.28 84.97 -45.68
C ALA A 893 -31.67 84.42 -47.05
N THR A 894 -31.99 83.11 -47.13
CA THR A 894 -32.40 82.47 -48.39
C THR A 894 -33.92 82.53 -48.57
N THR A 895 -34.70 82.70 -47.47
CA THR A 895 -36.16 82.88 -47.58
C THR A 895 -36.40 84.33 -47.98
N LYS A 896 -35.37 85.18 -47.75
CA LYS A 896 -35.34 86.59 -48.10
C LYS A 896 -35.30 86.74 -49.63
N SER A 897 -34.97 85.64 -50.37
CA SER A 897 -34.91 85.57 -51.84
C SER A 897 -36.20 85.96 -52.57
N VAL A 898 -37.34 85.99 -51.86
CA VAL A 898 -38.67 86.36 -52.38
C VAL A 898 -38.74 87.87 -52.79
N TYR A 899 -37.62 88.60 -52.60
CA TYR A 899 -37.46 90.01 -52.94
C TYR A 899 -37.62 90.31 -54.45
N LEU A 900 -37.56 89.26 -55.30
CA LEU A 900 -37.57 89.31 -56.77
C LEU A 900 -38.83 89.93 -57.43
N GLY A 901 -40.03 89.57 -56.94
CA GLY A 901 -41.31 90.03 -57.49
C GLY A 901 -41.44 91.54 -57.68
N SER A 902 -41.88 91.96 -58.86
CA SER A 902 -42.00 93.38 -59.16
C SER A 902 -43.31 93.77 -59.84
N ASN A 903 -44.30 92.89 -59.78
CA ASN A 903 -45.56 93.16 -60.45
C ASN A 903 -46.59 94.01 -59.71
N GLU A 904 -46.38 95.31 -59.66
CA GLU A 904 -47.38 96.18 -59.02
C GLU A 904 -47.87 97.45 -59.68
N THR A 905 -48.94 97.99 -59.09
CA THR A 905 -49.56 99.27 -59.48
C THR A 905 -49.14 100.36 -58.49
N GLY A 906 -49.74 101.55 -58.59
CA GLY A 906 -49.47 102.66 -57.67
C GLY A 906 -50.10 102.40 -56.32
N ASP A 907 -49.54 102.91 -55.24
CA ASP A 907 -50.11 102.70 -53.92
C ASP A 907 -49.67 101.38 -53.27
N SER A 908 -48.91 100.61 -54.03
CA SER A 908 -48.32 99.36 -53.54
C SER A 908 -46.85 99.60 -53.18
N ILE A 909 -46.16 100.41 -53.98
CA ILE A 909 -44.75 100.72 -53.76
C ILE A 909 -44.46 101.45 -52.45
N THR A 910 -45.29 102.44 -52.14
CA THR A 910 -45.16 103.19 -50.88
C THR A 910 -45.40 102.28 -49.67
N ALA A 911 -46.36 101.33 -49.79
CA ALA A 911 -46.66 100.35 -48.75
C ALA A 911 -45.50 99.37 -48.59
N VAL A 912 -44.88 98.94 -49.71
CA VAL A 912 -43.71 98.04 -49.76
C VAL A 912 -42.49 98.76 -49.14
N GLN A 913 -42.30 100.06 -49.48
CA GLN A 913 -41.23 100.92 -48.96
C GLN A 913 -41.36 101.14 -47.45
N ALA A 914 -42.60 101.03 -46.91
CA ALA A 914 -42.86 101.15 -45.47
C ALA A 914 -42.52 99.81 -44.77
N LYS A 915 -42.73 98.67 -45.48
CA LYS A 915 -42.44 97.32 -44.98
C LYS A 915 -40.93 96.99 -45.08
N LEU A 916 -40.21 97.70 -45.96
CA LEU A 916 -38.77 97.56 -46.16
C LEU A 916 -37.98 98.31 -45.08
N LYS A 917 -38.64 99.28 -44.39
CA LYS A 917 -38.07 100.09 -43.31
C LYS A 917 -37.93 99.29 -42.01
N ASN A 918 -38.99 98.53 -41.64
CA ASN A 918 -39.06 97.65 -40.45
C ASN A 918 -38.05 96.54 -40.62
N LEU A 919 -37.81 96.16 -41.87
CA LEU A 919 -36.89 95.12 -42.26
C LEU A 919 -35.43 95.51 -41.99
N GLU A 920 -35.16 96.79 -41.62
CA GLU A 920 -33.82 97.27 -41.25
C GLU A 920 -33.49 96.97 -39.77
N ALA A 921 -34.44 96.35 -39.04
CA ALA A 921 -34.28 95.89 -37.65
C ALA A 921 -33.68 94.47 -37.65
N PHE A 922 -33.22 94.02 -38.83
CA PHE A 922 -32.56 92.75 -39.09
C PHE A 922 -31.17 92.73 -38.44
N ASP A 923 -30.59 93.93 -38.22
CA ASP A 923 -29.29 94.10 -37.57
C ASP A 923 -29.40 93.64 -36.11
N GLY A 924 -30.62 93.68 -35.56
CA GLY A 924 -30.95 93.22 -34.21
C GLY A 924 -30.68 91.74 -34.06
N GLU A 925 -30.72 91.01 -35.19
CA GLU A 925 -30.39 89.59 -35.30
C GLU A 925 -28.87 89.52 -35.35
N CYS A 926 -28.22 90.21 -36.34
CA CYS A 926 -26.77 90.28 -36.53
C CYS A 926 -25.99 90.65 -35.26
N GLN A 927 -26.63 91.40 -34.34
CA GLN A 927 -26.07 91.82 -33.06
C GLN A 927 -26.09 90.62 -32.11
N SER A 928 -27.22 89.90 -32.04
CA SER A 928 -27.42 88.74 -31.18
C SER A 928 -26.63 87.52 -31.65
N LEU A 929 -26.67 87.22 -32.96
CA LEU A 929 -26.01 86.05 -33.57
C LEU A 929 -24.49 86.11 -33.50
N GLU A 930 -23.88 87.24 -33.93
CA GLU A 930 -22.43 87.45 -33.87
C GLU A 930 -22.02 87.48 -32.39
N GLY A 931 -22.92 87.93 -31.52
CA GLY A 931 -22.73 87.96 -30.08
C GLY A 931 -22.85 86.58 -29.45
N GLN A 932 -23.61 85.67 -30.10
CA GLN A 932 -23.82 84.29 -29.65
C GLN A 932 -22.72 83.35 -30.16
N SER A 933 -22.39 83.44 -31.48
CA SER A 933 -21.35 82.64 -32.13
C SER A 933 -19.99 82.89 -31.48
N ASN A 934 -19.63 84.17 -31.22
CA ASN A 934 -18.38 84.56 -30.55
C ASN A 934 -18.31 84.00 -29.13
N SER A 935 -19.47 83.94 -28.43
CA SER A 935 -19.60 83.39 -27.08
C SER A 935 -19.47 81.87 -27.12
N ASP A 936 -20.05 81.22 -28.17
CA ASP A 936 -19.95 79.77 -28.37
C ASP A 936 -18.50 79.42 -28.65
N LEU A 937 -17.87 80.14 -29.61
CA LEU A 937 -16.47 79.97 -30.00
C LEU A 937 -15.49 80.38 -28.90
N LEU A 938 -15.88 81.27 -27.95
CA LEU A 938 -15.04 81.68 -26.82
C LEU A 938 -14.97 80.54 -25.80
N SER A 939 -16.14 79.90 -25.52
CA SER A 939 -16.28 78.76 -24.60
C SER A 939 -15.52 77.55 -25.15
N ILE A 940 -15.56 77.35 -26.48
CA ILE A 940 -14.87 76.26 -27.20
C ILE A 940 -13.34 76.35 -27.00
N LEU A 941 -12.76 77.53 -27.22
CA LEU A 941 -11.30 77.73 -27.27
C LEU A 941 -10.55 77.32 -26.02
N ALA A 942 -11.27 77.56 -24.94
CA ALA A 942 -10.90 77.30 -23.58
C ALA A 942 -10.85 75.81 -23.33
N GLN A 943 -11.41 75.04 -24.25
CA GLN A 943 -11.35 73.58 -24.14
C GLN A 943 -10.53 72.99 -25.29
N LEU A 944 -11.20 72.78 -26.43
CA LEU A 944 -10.60 72.18 -27.61
C LEU A 944 -10.95 72.97 -28.84
N THR A 945 -10.34 72.63 -29.97
CA THR A 945 -10.51 73.45 -31.14
C THR A 945 -10.79 72.78 -32.49
N GLU A 946 -11.82 73.28 -33.18
CA GLU A 946 -12.18 72.88 -34.53
C GLU A 946 -12.60 74.21 -35.12
N LEU A 947 -11.66 75.13 -35.25
CA LEU A 947 -11.99 76.47 -35.66
C LEU A 947 -12.07 76.77 -37.14
N ASN A 948 -12.30 75.74 -37.91
CA ASN A 948 -12.53 75.91 -39.33
C ASN A 948 -13.81 76.75 -39.51
N TYR A 949 -14.53 76.77 -38.41
CA TYR A 949 -15.80 77.41 -38.31
C TYR A 949 -15.66 78.85 -38.69
N ASN A 950 -14.82 79.60 -37.99
CA ASN A 950 -14.64 81.02 -38.32
C ASN A 950 -14.63 81.37 -39.79
N GLY A 951 -13.96 80.56 -40.60
CA GLY A 951 -13.96 80.72 -42.01
C GLY A 951 -15.40 80.59 -42.48
N VAL A 952 -16.16 79.65 -41.89
CA VAL A 952 -17.54 79.40 -42.30
C VAL A 952 -18.56 80.53 -42.08
N PRO A 953 -18.56 81.12 -40.88
CA PRO A 953 -19.42 82.23 -40.46
C PRO A 953 -19.08 83.51 -41.17
N GLU A 954 -17.81 83.72 -41.36
CA GLU A 954 -17.32 84.90 -42.03
C GLU A 954 -17.79 84.95 -43.46
N LEU A 955 -17.90 83.79 -44.06
CA LEU A 955 -18.33 83.68 -45.46
C LEU A 955 -19.85 83.91 -45.50
N THR A 956 -20.59 83.49 -44.43
CA THR A 956 -22.04 83.70 -44.29
C THR A 956 -22.29 85.18 -44.02
N GLU A 957 -21.36 85.88 -43.33
CA GLU A 957 -21.42 87.31 -43.07
C GLU A 957 -21.22 88.07 -44.39
N ARG A 958 -20.37 87.51 -45.29
CA ARG A 958 -20.11 88.03 -46.63
C ARG A 958 -21.31 87.74 -47.51
N LYS A 959 -21.99 86.59 -47.27
CA LYS A 959 -23.21 86.22 -47.99
C LYS A 959 -24.37 87.09 -47.49
N ASP A 960 -24.31 87.55 -46.21
CA ASP A 960 -25.29 88.42 -45.56
C ASP A 960 -25.17 89.85 -46.09
N THR A 961 -23.95 90.30 -46.41
CA THR A 961 -23.73 91.62 -46.97
C THR A 961 -24.36 91.72 -48.34
N PHE A 962 -24.27 90.61 -49.06
CA PHE A 962 -24.76 90.49 -50.43
C PHE A 962 -26.25 90.76 -50.50
N PHE A 963 -26.93 90.21 -49.54
CA PHE A 963 -28.38 90.35 -49.41
C PHE A 963 -28.65 91.75 -48.86
N ALA A 964 -27.64 92.36 -48.20
CA ALA A 964 -27.67 93.75 -47.71
C ALA A 964 -27.61 94.72 -48.90
N GLN A 965 -27.18 94.20 -50.07
CA GLN A 965 -27.14 94.90 -51.36
C GLN A 965 -28.45 94.60 -52.11
N GLN A 966 -29.19 93.54 -51.70
CA GLN A 966 -30.50 93.18 -52.26
C GLN A 966 -31.59 93.98 -51.51
N TRP A 967 -31.21 94.66 -50.39
CA TRP A 967 -32.06 95.56 -49.60
C TRP A 967 -32.18 96.84 -50.43
N THR A 968 -31.01 97.44 -50.79
CA THR A 968 -30.90 98.62 -51.64
C THR A 968 -31.23 98.26 -53.08
N GLY A 969 -31.02 96.99 -53.45
CA GLY A 969 -31.33 96.43 -54.76
C GLY A 969 -32.83 96.32 -55.00
N VAL A 970 -33.62 96.26 -53.90
CA VAL A 970 -35.08 96.20 -53.94
C VAL A 970 -35.63 97.59 -53.58
N LYS A 971 -34.89 98.39 -52.77
CA LYS A 971 -35.26 99.77 -52.40
C LYS A 971 -35.23 100.62 -53.69
N SER A 972 -34.08 100.64 -54.39
CA SER A 972 -33.88 101.39 -55.64
C SER A 972 -34.73 100.86 -56.79
N SER A 973 -34.97 99.52 -56.83
CA SER A 973 -35.81 98.91 -57.87
C SER A 973 -37.28 99.24 -57.60
N ALA A 974 -37.67 99.35 -56.30
CA ALA A 974 -39.01 99.74 -55.90
C ALA A 974 -39.20 101.21 -56.26
N GLU A 975 -38.12 102.03 -56.11
CA GLU A 975 -38.14 103.45 -56.46
C GLU A 975 -38.58 103.64 -57.89
N THR A 976 -39.72 104.30 -58.04
CA THR A 976 -40.31 104.58 -59.34
C THR A 976 -40.53 106.09 -59.45
N TYR A 977 -40.87 106.50 -60.66
CA TYR A 977 -41.05 107.87 -61.03
C TYR A 977 -42.14 108.51 -60.23
N LYS A 978 -43.16 107.72 -59.94
CA LYS A 978 -44.29 108.11 -59.09
C LYS A 978 -45.06 109.33 -59.52
N ASN A 979 -45.13 110.29 -58.62
CA ASN A 979 -45.81 111.55 -58.87
C ASN A 979 -45.21 112.26 -60.08
N THR A 980 -46.06 112.53 -61.09
CA THR A 980 -45.69 113.18 -62.35
C THR A 980 -46.41 114.53 -62.48
PB AOV B . 1.55 -17.08 14.57
O1B AOV B . 2.84 -16.46 14.09
O2B AOV B . 0.59 -17.24 13.41
O3B AOV B . 1.82 -18.52 14.97
PA AOV B . -0.71 -15.51 15.53
O1A AOV B . -0.63 -14.65 14.31
O2A AOV B . -1.71 -16.57 15.82
O3A AOV B . 0.78 -16.11 15.63
O5' AOV B . -0.60 -14.76 16.92
C5' AOV B . -0.91 -15.37 18.18
C4' AOV B . -1.98 -14.57 18.94
O4' AOV B . -1.24 -13.46 19.48
C3' AOV B . -3.13 -14.08 18.07
O3' AOV B . -4.12 -15.09 18.28
C2' AOV B . -3.37 -12.82 18.88
O2' AOV B . -4.25 -13.07 19.97
C1' AOV B . -2.05 -12.29 19.35
N9 AOV B . -1.62 -11.26 18.37
C8 AOV B . -0.66 -11.44 17.43
N7 AOV B . -0.49 -10.30 16.68
C5 AOV B . -1.40 -9.46 17.21
C6 AOV B . -1.74 -8.05 16.86
N6 AOV B . -1.07 -7.46 15.85
N1 AOV B . -2.70 -7.39 17.53
C2 AOV B . -3.35 -8.00 18.53
N3 AOV B . -3.09 -9.27 18.91
C4 AOV B . -2.16 -10.05 18.32
VG AOV B . 1.94 -20.52 14.37
O1G AOV B . 0.33 -20.26 13.67
O2G AOV B . 1.64 -20.96 16.06
O3G AOV B . 3.71 -20.46 14.21
O4G AOV B . 2.03 -22.24 14.00
MG MG C . -0.97 -18.84 12.95
#